data_7MOY
#
_entry.id   7MOY
#
_cell.length_a   92.398
_cell.length_b   99.141
_cell.length_c   139.794
_cell.angle_alpha   90.000
_cell.angle_beta   90.000
_cell.angle_gamma   90.000
#
_symmetry.space_group_name_H-M   'P 21 21 21'
#
loop_
_entity.id
_entity.type
_entity.pdbx_description
1 polymer 'Histone deacetylase 2'
2 non-polymer 'ZINC ION'
3 non-polymer 'SULFATE ION'
4 non-polymer 'CALCIUM ION'
5 non-polymer DI(HYDROXYETHYL)ETHER
6 non-polymer (1S)-6-ethyl-N-{(1S)-1-[5-(2-ethyl-1-oxo-1,2-dihydroisoquinolin-6-yl)-1H-imidazol-2-yl]-7,7-dihydroxynonyl}-6-azaspiro[2.5]octane-1-carboxamide
7 water water
#
_entity_poly.entity_id   1
_entity_poly.type   'polypeptide(L)'
_entity_poly.pdbx_seq_one_letter_code
;MAYSQGGGKKKVCYYYDGDIGNYYYGQGHPMKPHRIRMTHNLLLNYGLYRKMEIYRPHKATAEEMTKYHSDEYIKFLRSI
RPDNMSEYSKQMQRFNVGEDCPVFDGLFEFCQLSTGGSVAGAVKLNRQQTDMAVNWAGGLHHAKKSEASGFCYVNDIVLA
ILELLKYHQRVLYIDIDIHHGDGVEEAFYTTDRVMTVSFHKYGEYFPGTGDLRDIGAGKGKYYAVNFPMRDGIDDESYGQ
IFKPIISKVMEMYQPSAVVLQCGADSLSGDRLGCFNLTVKGHAKCVEVVKTFNLPLLMLGGGGYTIRNVARCWTYETAVA
LDCEIPNELPYNDYFEYFGPDFKLHISPSNMTNQNTPEYMEKIKQRLFENLRMLPH
;
_entity_poly.pdbx_strand_id   A,B,C
#
# COMPACT_ATOMS: atom_id res chain seq x y z
N GLY A 8 18.94 -25.84 21.89
CA GLY A 8 18.51 -25.99 23.27
C GLY A 8 18.78 -24.75 24.10
N LYS A 9 18.89 -24.91 25.42
CA LYS A 9 19.17 -23.82 26.33
C LYS A 9 20.59 -23.32 26.14
N LYS A 10 20.77 -22.00 26.21
CA LYS A 10 22.05 -21.38 25.95
C LYS A 10 22.73 -20.74 27.16
N LYS A 11 24.04 -20.57 27.05
CA LYS A 11 24.81 -19.92 28.08
C LYS A 11 24.58 -18.43 27.86
N VAL A 12 24.21 -17.71 28.92
CA VAL A 12 23.96 -16.27 28.84
C VAL A 12 24.91 -15.54 29.75
N CYS A 13 25.63 -14.55 29.23
CA CYS A 13 26.52 -13.72 30.02
C CYS A 13 25.88 -12.35 30.07
N TYR A 14 25.82 -11.76 31.23
CA TYR A 14 25.16 -10.49 31.48
C TYR A 14 26.12 -9.45 32.06
N TYR A 15 26.11 -8.24 31.49
CA TYR A 15 27.03 -7.16 31.87
C TYR A 15 26.32 -6.06 32.61
N TYR A 16 26.82 -5.71 33.79
CA TYR A 16 26.19 -4.68 34.60
C TYR A 16 27.16 -4.09 35.61
N ASP A 17 27.13 -2.77 35.74
CA ASP A 17 27.95 -2.07 36.73
C ASP A 17 26.98 -1.37 37.65
N GLY A 18 27.06 -1.67 38.95
CA GLY A 18 26.20 -1.11 39.99
C GLY A 18 26.19 0.41 40.08
N ASP A 19 27.17 1.09 39.48
CA ASP A 19 27.19 2.56 39.47
C ASP A 19 26.39 3.16 38.33
N ILE A 20 26.02 2.38 37.32
CA ILE A 20 25.31 2.91 36.15
C ILE A 20 24.05 3.70 36.49
N GLY A 21 23.27 3.26 37.48
CA GLY A 21 22.04 3.92 37.85
C GLY A 21 22.17 5.28 38.47
N ASN A 22 23.39 5.67 38.86
CA ASN A 22 23.66 6.97 39.49
C ASN A 22 23.92 8.10 38.50
N TYR A 23 24.17 7.78 37.23
CA TYR A 23 24.40 8.81 36.21
C TYR A 23 23.09 9.52 35.94
N TYR A 24 23.12 10.87 35.93
CA TYR A 24 21.91 11.69 35.81
C TYR A 24 22.01 12.72 34.71
N TYR A 25 21.11 12.61 33.72
CA TYR A 25 21.08 13.52 32.60
C TYR A 25 20.58 14.94 32.99
N GLY A 26 19.87 15.07 34.11
CA GLY A 26 19.36 16.36 34.54
C GLY A 26 17.85 16.39 34.69
N GLN A 27 17.33 17.34 35.48
CA GLN A 27 15.89 17.43 35.71
C GLN A 27 15.07 17.55 34.43
N GLY A 28 14.10 16.67 34.29
CA GLY A 28 13.22 16.69 33.12
C GLY A 28 13.72 15.91 31.92
N HIS A 29 15.02 15.54 31.88
CA HIS A 29 15.55 14.80 30.73
C HIS A 29 14.93 13.40 30.74
N PRO A 30 14.34 12.96 29.61
CA PRO A 30 13.69 11.64 29.60
C PRO A 30 14.60 10.43 29.80
N MET A 31 15.89 10.54 29.45
CA MET A 31 16.83 9.41 29.58
C MET A 31 17.23 9.24 31.03
N LYS A 32 16.86 8.10 31.60
CA LYS A 32 17.12 7.81 33.01
C LYS A 32 17.89 6.54 33.25
N PRO A 33 19.22 6.64 33.42
CA PRO A 33 20.05 5.43 33.67
C PRO A 33 19.60 4.58 34.86
N HIS A 34 18.83 5.16 35.76
CA HIS A 34 18.25 4.46 36.91
C HIS A 34 17.39 3.26 36.45
N ARG A 35 16.78 3.33 35.24
CA ARG A 35 15.98 2.22 34.70
C ARG A 35 16.83 0.91 34.56
N ILE A 36 18.16 1.04 34.33
N ILE A 36 18.15 1.02 34.32
CA ILE A 36 19.08 -0.11 34.23
CA ILE A 36 19.01 -0.17 34.22
C ILE A 36 19.18 -0.79 35.60
C ILE A 36 19.16 -0.81 35.61
N ARG A 37 19.25 0.01 36.67
CA ARG A 37 19.33 -0.50 38.04
C ARG A 37 17.97 -1.14 38.41
N MET A 38 16.83 -0.54 38.00
CA MET A 38 15.51 -1.13 38.28
C MET A 38 15.40 -2.51 37.59
N THR A 39 15.89 -2.60 36.33
CA THR A 39 15.87 -3.85 35.57
C THR A 39 16.66 -4.93 36.32
N HIS A 40 17.90 -4.59 36.74
CA HIS A 40 18.78 -5.49 37.46
C HIS A 40 18.14 -5.98 38.75
N ASN A 41 17.58 -5.06 39.54
CA ASN A 41 16.98 -5.42 40.82
C ASN A 41 15.76 -6.31 40.62
N LEU A 42 14.96 -6.05 39.58
CA LEU A 42 13.81 -6.88 39.32
C LEU A 42 14.24 -8.29 38.89
N LEU A 43 15.23 -8.40 37.98
CA LEU A 43 15.66 -9.73 37.54
C LEU A 43 16.39 -10.49 38.68
N LEU A 44 17.07 -9.80 39.62
CA LEU A 44 17.68 -10.46 40.77
C LEU A 44 16.57 -11.03 41.67
N ASN A 45 15.50 -10.25 41.89
CA ASN A 45 14.40 -10.71 42.74
C ASN A 45 13.56 -11.83 42.12
N TYR A 46 13.64 -12.03 40.80
CA TYR A 46 12.98 -13.15 40.13
C TYR A 46 13.89 -14.43 40.16
N GLY A 47 15.13 -14.30 40.64
CA GLY A 47 16.10 -15.38 40.72
C GLY A 47 16.82 -15.64 39.40
N LEU A 48 16.74 -14.70 38.44
CA LEU A 48 17.39 -14.90 37.13
C LEU A 48 18.95 -14.91 37.19
N TYR A 49 19.52 -14.61 38.36
CA TYR A 49 20.97 -14.62 38.58
CA TYR A 49 20.96 -14.62 38.64
C TYR A 49 21.49 -16.07 38.69
N ARG A 50 20.65 -17.02 39.14
CA ARG A 50 21.08 -18.42 39.27
C ARG A 50 21.42 -19.14 37.98
N LYS A 51 21.03 -18.57 36.83
CA LYS A 51 21.29 -19.19 35.54
C LYS A 51 22.23 -18.39 34.64
N MET A 52 22.66 -17.19 35.03
CA MET A 52 23.53 -16.36 34.18
C MET A 52 24.88 -16.11 34.76
N GLU A 53 25.89 -15.88 33.91
CA GLU A 53 27.20 -15.47 34.39
C GLU A 53 27.09 -13.93 34.43
N ILE A 54 27.30 -13.30 35.59
CA ILE A 54 27.16 -11.84 35.71
C ILE A 54 28.56 -11.23 35.76
N TYR A 55 28.85 -10.30 34.87
CA TYR A 55 30.14 -9.64 34.78
C TYR A 55 30.00 -8.14 34.92
N ARG A 56 31.01 -7.49 35.50
CA ARG A 56 31.04 -6.05 35.62
C ARG A 56 31.95 -5.61 34.48
N PRO A 57 31.43 -4.80 33.56
CA PRO A 57 32.25 -4.39 32.42
C PRO A 57 33.40 -3.48 32.82
N HIS A 58 34.48 -3.54 32.07
CA HIS A 58 35.60 -2.64 32.28
C HIS A 58 35.19 -1.24 31.74
N LYS A 59 35.91 -0.20 32.12
CA LYS A 59 35.66 1.14 31.58
C LYS A 59 36.44 1.22 30.27
N ALA A 60 35.72 1.21 29.13
CA ALA A 60 36.36 1.27 27.81
C ALA A 60 37.26 2.48 27.67
N THR A 61 38.45 2.30 27.10
CA THR A 61 39.41 3.40 27.00
C THR A 61 39.12 4.30 25.82
N ALA A 62 39.65 5.54 25.84
CA ALA A 62 39.51 6.49 24.72
C ALA A 62 40.00 5.83 23.42
N GLU A 63 41.06 5.03 23.52
CA GLU A 63 41.68 4.25 22.46
C GLU A 63 40.71 3.21 21.87
N GLU A 64 39.94 2.52 22.73
CA GLU A 64 38.96 1.54 22.26
C GLU A 64 37.87 2.31 21.48
N MET A 65 37.41 3.44 22.01
CA MET A 65 36.38 4.25 21.38
C MET A 65 36.83 4.86 20.05
N THR A 66 38.13 5.16 19.91
CA THR A 66 38.64 5.73 18.65
C THR A 66 38.80 4.69 17.55
N LYS A 67 38.41 3.41 17.79
CA LYS A 67 38.37 2.44 16.71
C LYS A 67 37.23 2.91 15.70
N TYR A 68 36.30 3.77 16.16
CA TYR A 68 35.25 4.31 15.32
C TYR A 68 35.25 5.83 15.37
N HIS A 69 35.10 6.43 16.58
CA HIS A 69 35.01 7.87 16.72
C HIS A 69 36.32 8.61 16.50
N SER A 70 36.23 9.90 16.16
CA SER A 70 37.43 10.70 15.92
C SER A 70 38.15 10.98 17.22
N ASP A 71 39.47 11.18 17.14
CA ASP A 71 40.29 11.50 18.30
C ASP A 71 39.83 12.79 18.93
N GLU A 72 39.50 13.81 18.13
CA GLU A 72 39.04 15.08 18.67
C GLU A 72 37.74 14.97 19.44
N TYR A 73 36.80 14.16 18.94
CA TYR A 73 35.53 14.00 19.61
C TYR A 73 35.70 13.25 20.94
N ILE A 74 36.46 12.16 20.96
CA ILE A 74 36.68 11.40 22.19
C ILE A 74 37.48 12.24 23.20
N LYS A 75 38.44 13.06 22.71
CA LYS A 75 39.21 13.95 23.62
C LYS A 75 38.28 14.94 24.27
N PHE A 76 37.32 15.49 23.50
CA PHE A 76 36.32 16.43 24.01
C PHE A 76 35.47 15.77 25.11
N LEU A 77 34.93 14.57 24.85
CA LEU A 77 34.08 13.88 25.82
C LEU A 77 34.81 13.60 27.14
N ARG A 78 36.08 13.26 27.05
CA ARG A 78 36.94 12.96 28.20
C ARG A 78 37.33 14.23 29.00
N SER A 79 37.19 15.42 28.40
CA SER A 79 37.58 16.69 29.03
C SER A 79 36.44 17.56 29.55
N ILE A 80 35.29 17.53 28.89
CA ILE A 80 34.17 18.39 29.26
C ILE A 80 33.51 17.99 30.58
N ARG A 81 33.14 19.01 31.39
CA ARG A 81 32.48 18.86 32.69
C ARG A 81 31.53 20.04 32.91
N PRO A 82 30.49 19.88 33.75
CA PRO A 82 29.60 21.01 34.03
C PRO A 82 30.33 22.27 34.55
N ASP A 83 31.51 22.10 35.20
CA ASP A 83 32.30 23.22 35.76
C ASP A 83 33.23 23.92 34.77
N ASN A 84 33.52 23.31 33.62
CA ASN A 84 34.40 23.92 32.62
C ASN A 84 33.71 24.17 31.27
N MET A 85 32.39 23.90 31.18
CA MET A 85 31.54 24.06 30.00
C MET A 85 31.70 25.39 29.30
N SER A 86 31.89 26.49 30.08
CA SER A 86 32.01 27.82 29.48
C SER A 86 33.19 27.93 28.53
N GLU A 87 34.26 27.18 28.79
CA GLU A 87 35.45 27.20 27.93
C GLU A 87 35.32 26.34 26.67
N TYR A 88 34.22 25.59 26.52
CA TYR A 88 34.05 24.69 25.38
C TYR A 88 32.84 25.01 24.52
N SER A 89 32.30 26.24 24.58
CA SER A 89 31.13 26.61 23.78
C SER A 89 31.26 26.29 22.28
N LYS A 90 32.45 26.46 21.71
CA LYS A 90 32.72 26.18 20.29
C LYS A 90 32.64 24.68 19.98
N GLN A 91 33.36 23.85 20.76
CA GLN A 91 33.34 22.41 20.56
C GLN A 91 31.97 21.81 20.87
N MET A 92 31.24 22.37 21.84
CA MET A 92 29.91 21.89 22.19
C MET A 92 28.94 21.99 21.01
N GLN A 93 28.99 23.09 20.24
CA GLN A 93 28.12 23.25 19.07
C GLN A 93 28.56 22.28 17.98
N ARG A 94 29.88 22.16 17.76
CA ARG A 94 30.45 21.29 16.76
C ARG A 94 30.10 19.80 16.98
N PHE A 95 30.07 19.38 18.25
CA PHE A 95 29.80 17.99 18.62
C PHE A 95 28.34 17.70 19.04
N ASN A 96 27.46 18.70 18.88
CA ASN A 96 26.03 18.59 19.17
C ASN A 96 25.73 18.30 20.65
N VAL A 97 26.53 18.86 21.55
CA VAL A 97 26.29 18.71 22.97
C VAL A 97 25.39 19.89 23.34
N GLY A 98 24.21 19.60 23.84
CA GLY A 98 23.20 20.60 24.18
C GLY A 98 22.05 19.99 24.94
N GLU A 99 20.79 20.37 24.65
CA GLU A 99 19.64 19.86 25.37
C GLU A 99 19.42 18.34 25.29
N ASP A 100 19.46 17.73 24.07
CA ASP A 100 19.26 16.28 23.98
C ASP A 100 20.44 15.54 24.56
N CYS A 101 21.67 16.06 24.31
CA CYS A 101 22.90 15.42 24.76
C CYS A 101 23.66 16.35 25.70
N PRO A 102 23.16 16.54 26.93
CA PRO A 102 23.80 17.49 27.84
C PRO A 102 25.07 17.03 28.47
N VAL A 103 25.80 18.00 29.02
CA VAL A 103 27.01 17.71 29.78
C VAL A 103 26.50 17.40 31.19
N PHE A 104 26.87 16.25 31.74
CA PHE A 104 26.46 15.92 33.09
C PHE A 104 27.65 15.33 33.85
N ASP A 105 27.61 15.36 35.18
CA ASP A 105 28.70 14.81 36.00
C ASP A 105 28.92 13.32 35.68
N GLY A 106 30.15 12.93 35.36
CA GLY A 106 30.45 11.54 35.07
C GLY A 106 30.08 11.09 33.67
N LEU A 107 29.79 12.03 32.76
CA LEU A 107 29.42 11.71 31.37
C LEU A 107 30.37 10.71 30.70
N PHE A 108 31.70 10.96 30.76
CA PHE A 108 32.65 10.07 30.13
C PHE A 108 32.62 8.69 30.77
N GLU A 109 32.54 8.63 32.11
CA GLU A 109 32.47 7.33 32.80
C GLU A 109 31.21 6.55 32.40
N PHE A 110 30.08 7.24 32.21
CA PHE A 110 28.85 6.59 31.75
C PHE A 110 29.08 6.00 30.35
N CYS A 111 29.72 6.76 29.45
CA CYS A 111 30.02 6.25 28.10
C CYS A 111 30.95 5.02 28.20
N GLN A 112 31.99 5.09 29.06
CA GLN A 112 32.93 3.98 29.23
C GLN A 112 32.25 2.68 29.70
N LEU A 113 31.26 2.80 30.58
CA LEU A 113 30.54 1.63 31.14
C LEU A 113 29.58 1.07 30.10
N SER A 114 28.84 1.95 29.43
CA SER A 114 27.91 1.54 28.38
C SER A 114 28.69 0.80 27.26
N THR A 115 29.82 1.38 26.82
CA THR A 115 30.64 0.80 25.77
C THR A 115 31.35 -0.46 26.23
N GLY A 116 31.88 -0.44 27.44
CA GLY A 116 32.59 -1.58 28.03
C GLY A 116 31.76 -2.84 28.03
N GLY A 117 30.48 -2.72 28.36
CA GLY A 117 29.60 -3.88 28.36
C GLY A 117 29.39 -4.48 26.98
N SER A 118 29.21 -3.62 25.98
CA SER A 118 28.98 -4.09 24.61
C SER A 118 30.21 -4.73 24.00
N VAL A 119 31.36 -4.10 24.16
N VAL A 119 31.39 -4.11 24.14
CA VAL A 119 32.62 -4.61 23.62
CA VAL A 119 32.60 -4.68 23.56
C VAL A 119 33.02 -5.90 24.32
C VAL A 119 33.05 -5.92 24.31
N ALA A 120 32.86 -5.97 25.66
CA ALA A 120 33.22 -7.17 26.43
C ALA A 120 32.32 -8.34 26.00
N GLY A 121 31.04 -8.05 25.75
CA GLY A 121 30.10 -9.06 25.27
C GLY A 121 30.53 -9.62 23.91
N ALA A 122 30.94 -8.72 22.99
CA ALA A 122 31.39 -9.12 21.66
C ALA A 122 32.68 -9.98 21.75
N VAL A 123 33.62 -9.61 22.63
CA VAL A 123 34.85 -10.38 22.83
C VAL A 123 34.48 -11.80 23.33
N LYS A 124 33.54 -11.90 24.26
CA LYS A 124 33.11 -13.18 24.84
C LYS A 124 32.48 -14.08 23.77
N LEU A 125 31.69 -13.49 22.86
CA LEU A 125 31.07 -14.20 21.76
C LEU A 125 32.15 -14.66 20.74
N ASN A 126 33.12 -13.80 20.45
CA ASN A 126 34.23 -14.10 19.53
C ASN A 126 35.05 -15.29 20.02
N ARG A 127 35.26 -15.37 21.34
CA ARG A 127 36.00 -16.49 21.94
C ARG A 127 35.18 -17.75 22.09
N GLN A 128 33.89 -17.74 21.67
CA GLN A 128 32.97 -18.86 21.77
C GLN A 128 32.78 -19.31 23.23
N GLN A 129 32.82 -18.35 24.16
CA GLN A 129 32.63 -18.64 25.58
C GLN A 129 31.20 -18.45 26.06
N THR A 130 30.29 -17.99 25.17
CA THR A 130 28.89 -17.79 25.47
C THR A 130 28.09 -17.82 24.16
N ASP A 131 26.83 -18.15 24.28
CA ASP A 131 25.92 -18.16 23.14
C ASP A 131 25.25 -16.77 23.02
N MET A 132 24.95 -16.16 24.18
CA MET A 132 24.30 -14.85 24.26
CA MET A 132 24.31 -14.86 24.24
C MET A 132 25.00 -13.95 25.25
N ALA A 133 25.13 -12.66 24.92
CA ALA A 133 25.73 -11.67 25.82
C ALA A 133 24.69 -10.54 25.90
N VAL A 134 24.40 -10.03 27.11
CA VAL A 134 23.38 -9.00 27.34
C VAL A 134 24.00 -7.76 28.00
N ASN A 135 23.75 -6.57 27.43
CA ASN A 135 24.24 -5.33 28.02
C ASN A 135 23.08 -4.32 27.94
N TRP A 136 22.23 -4.26 28.98
CA TRP A 136 21.10 -3.35 28.93
C TRP A 136 21.51 -1.89 28.93
N ALA A 137 22.74 -1.56 29.38
CA ALA A 137 23.23 -0.19 29.36
C ALA A 137 23.73 0.28 27.97
N GLY A 138 23.76 -0.62 26.99
CA GLY A 138 24.21 -0.28 25.64
C GLY A 138 23.03 -0.03 24.71
N GLY A 139 23.26 -0.07 23.41
CA GLY A 139 22.22 0.17 22.44
C GLY A 139 22.04 1.64 22.08
N LEU A 140 23.08 2.46 22.29
CA LEU A 140 23.02 3.91 22.02
C LEU A 140 23.34 4.21 20.54
N HIS A 141 22.38 3.82 19.71
CA HIS A 141 22.45 3.78 18.26
C HIS A 141 22.54 5.09 17.50
N HIS A 142 22.34 6.27 18.12
CA HIS A 142 22.39 7.52 17.32
C HIS A 142 23.75 8.18 17.23
N ALA A 143 24.67 7.83 18.14
CA ALA A 143 25.97 8.50 18.14
C ALA A 143 26.73 8.31 16.82
N LYS A 144 27.30 9.43 16.34
CA LYS A 144 28.03 9.48 15.08
C LYS A 144 29.53 9.50 15.31
N LYS A 145 30.33 9.33 14.26
CA LYS A 145 31.79 9.35 14.38
C LYS A 145 32.32 10.59 15.15
N SER A 146 31.82 11.81 14.87
CA SER A 146 32.28 13.01 15.56
C SER A 146 31.14 13.86 16.08
N GLU A 147 30.06 13.20 16.53
CA GLU A 147 28.93 13.94 17.01
C GLU A 147 28.04 13.14 17.92
N ALA A 148 27.56 13.76 18.99
CA ALA A 148 26.59 13.14 19.88
C ALA A 148 25.22 13.37 19.20
N SER A 149 24.25 12.53 19.52
CA SER A 149 22.91 12.68 18.95
C SER A 149 21.92 11.84 19.74
N GLY A 150 20.72 12.36 19.92
CA GLY A 150 19.61 11.65 20.53
C GLY A 150 19.90 10.86 21.79
N PHE A 151 20.48 11.55 22.76
CA PHE A 151 20.84 11.06 24.09
C PHE A 151 22.06 10.12 24.09
N CYS A 152 22.68 9.91 22.92
CA CYS A 152 23.81 9.01 22.67
C CYS A 152 25.10 9.79 22.43
N TYR A 153 26.19 9.38 23.05
CA TYR A 153 27.47 10.06 22.88
C TYR A 153 28.48 9.16 22.23
N VAL A 154 28.58 7.89 22.67
CA VAL A 154 29.53 6.94 22.08
C VAL A 154 28.72 5.77 21.55
N ASN A 155 28.94 5.41 20.28
CA ASN A 155 28.22 4.34 19.64
C ASN A 155 28.78 2.97 20.03
N ASP A 156 28.32 2.47 21.16
CA ASP A 156 28.76 1.16 21.67
C ASP A 156 28.45 0.03 20.68
N ILE A 157 27.34 0.18 19.91
CA ILE A 157 26.92 -0.82 18.93
C ILE A 157 27.93 -0.94 17.81
N VAL A 158 28.33 0.19 17.22
CA VAL A 158 29.31 0.17 16.13
C VAL A 158 30.63 -0.46 16.65
N LEU A 159 31.07 -0.05 17.85
CA LEU A 159 32.28 -0.59 18.46
C LEU A 159 32.17 -2.11 18.67
N ALA A 160 31.02 -2.60 19.16
CA ALA A 160 30.83 -4.03 19.36
C ALA A 160 30.83 -4.79 18.01
N ILE A 161 30.21 -4.19 16.99
CA ILE A 161 30.16 -4.82 15.67
C ILE A 161 31.55 -4.89 15.08
N LEU A 162 32.35 -3.83 15.24
CA LEU A 162 33.74 -3.81 14.76
C LEU A 162 34.54 -4.96 15.43
N GLU A 163 34.25 -5.21 16.71
CA GLU A 163 34.89 -6.30 17.45
C GLU A 163 34.44 -7.64 16.84
N LEU A 164 33.12 -7.83 16.64
CA LEU A 164 32.62 -9.05 16.04
C LEU A 164 33.19 -9.29 14.63
N LEU A 165 33.41 -8.23 13.83
CA LEU A 165 33.98 -8.37 12.47
C LEU A 165 35.41 -8.96 12.46
N LYS A 166 36.08 -9.04 13.62
CA LYS A 166 37.42 -9.64 13.69
C LYS A 166 37.34 -11.14 13.45
N TYR A 167 36.23 -11.79 13.80
CA TYR A 167 36.03 -13.24 13.67
C TYR A 167 34.82 -13.61 12.82
N HIS A 168 33.98 -12.64 12.43
CA HIS A 168 32.78 -12.92 11.66
C HIS A 168 32.78 -12.16 10.36
N GLN A 169 32.63 -12.86 9.24
CA GLN A 169 32.62 -12.25 7.92
C GLN A 169 31.36 -11.37 7.73
N ARG A 170 30.21 -11.85 8.21
CA ARG A 170 28.95 -11.12 8.06
C ARG A 170 28.25 -11.00 9.41
N VAL A 171 27.83 -9.79 9.77
CA VAL A 171 27.16 -9.56 11.04
C VAL A 171 25.81 -8.91 10.74
N LEU A 172 24.74 -9.41 11.35
CA LEU A 172 23.41 -8.84 11.13
C LEU A 172 23.04 -7.98 12.36
N TYR A 173 22.63 -6.74 12.12
CA TYR A 173 22.21 -5.84 13.18
C TYR A 173 20.69 -5.65 13.05
N ILE A 174 19.90 -5.86 14.12
CA ILE A 174 18.44 -5.70 14.08
C ILE A 174 18.04 -4.68 15.15
N ASP A 175 17.27 -3.65 14.78
CA ASP A 175 16.94 -2.59 15.73
C ASP A 175 15.43 -2.43 15.89
N ILE A 176 14.89 -2.73 17.10
CA ILE A 176 13.46 -2.63 17.38
C ILE A 176 13.09 -1.44 18.29
N ASP A 177 14.02 -0.51 18.49
CA ASP A 177 13.75 0.76 19.17
C ASP A 177 12.71 1.51 18.24
N ILE A 178 11.84 2.36 18.81
CA ILE A 178 10.89 3.09 17.95
C ILE A 178 11.61 4.08 17.02
N HIS A 179 12.86 4.52 17.37
CA HIS A 179 13.60 5.48 16.56
C HIS A 179 14.51 4.74 15.58
N HIS A 180 14.67 5.30 14.37
CA HIS A 180 15.55 4.71 13.36
C HIS A 180 17.00 4.59 13.90
N GLY A 181 17.65 3.46 13.67
CA GLY A 181 19.04 3.27 14.11
C GLY A 181 20.02 3.88 13.13
N ASP A 182 19.99 5.22 13.02
CA ASP A 182 20.77 5.98 12.05
C ASP A 182 22.28 5.92 12.21
N GLY A 183 22.80 6.00 13.43
CA GLY A 183 24.24 5.99 13.63
C GLY A 183 24.89 4.70 13.17
N VAL A 184 24.25 3.57 13.48
CA VAL A 184 24.72 2.26 13.08
C VAL A 184 24.57 2.07 11.58
N GLU A 185 23.41 2.48 11.01
CA GLU A 185 23.21 2.36 9.57
C GLU A 185 24.27 3.18 8.81
N GLU A 186 24.50 4.41 9.24
CA GLU A 186 25.48 5.29 8.60
C GLU A 186 26.89 4.72 8.68
N ALA A 187 27.29 4.18 9.84
CA ALA A 187 28.63 3.63 9.99
C ALA A 187 28.96 2.53 9.00
N PHE A 188 27.97 1.69 8.66
CA PHE A 188 28.15 0.55 7.77
C PHE A 188 27.43 0.66 6.42
N TYR A 189 26.96 1.86 6.07
CA TYR A 189 26.20 2.11 4.84
C TYR A 189 26.86 1.64 3.55
N THR A 190 28.20 1.71 3.45
CA THR A 190 28.86 1.32 2.19
C THR A 190 29.58 -0.03 2.24
N THR A 191 29.27 -0.88 3.25
CA THR A 191 29.88 -2.19 3.30
C THR A 191 28.81 -3.30 3.31
N ASP A 192 29.18 -4.47 2.81
CA ASP A 192 28.33 -5.64 2.80
C ASP A 192 28.62 -6.60 3.99
N ARG A 193 29.62 -6.26 4.83
CA ARG A 193 29.96 -7.09 5.98
C ARG A 193 28.99 -6.92 7.16
N VAL A 194 28.12 -5.92 7.12
CA VAL A 194 27.11 -5.70 8.13
C VAL A 194 25.80 -5.43 7.40
N MET A 195 24.73 -6.12 7.77
CA MET A 195 23.41 -5.81 7.21
C MET A 195 22.65 -5.12 8.37
N THR A 196 22.11 -3.91 8.15
CA THR A 196 21.38 -3.23 9.21
C THR A 196 19.88 -3.26 8.92
N VAL A 197 19.08 -3.70 9.89
CA VAL A 197 17.64 -3.80 9.72
C VAL A 197 16.96 -3.02 10.83
N SER A 198 16.21 -1.97 10.49
CA SER A 198 15.57 -1.14 11.47
C SER A 198 14.07 -1.05 11.25
N PHE A 199 13.30 -1.27 12.32
CA PHE A 199 11.83 -1.15 12.30
C PHE A 199 11.61 0.07 13.16
N HIS A 200 10.97 1.13 12.61
CA HIS A 200 10.82 2.36 13.40
C HIS A 200 9.65 3.23 12.94
N LYS A 201 9.25 4.17 13.78
CA LYS A 201 8.22 5.15 13.39
C LYS A 201 8.92 6.12 12.42
N TYR A 202 8.25 6.42 11.31
CA TYR A 202 8.80 7.30 10.29
C TYR A 202 7.74 8.32 9.89
N GLY A 203 8.10 9.59 9.90
CA GLY A 203 7.21 10.70 9.56
C GLY A 203 7.02 11.65 10.71
N GLU A 204 7.53 12.88 10.61
CA GLU A 204 7.47 13.91 11.67
C GLU A 204 7.98 13.33 13.00
N TYR A 205 9.11 12.63 12.93
CA TYR A 205 9.67 11.96 14.11
C TYR A 205 11.19 11.83 14.03
N PHE A 206 11.87 12.04 15.16
CA PHE A 206 13.31 11.95 15.22
C PHE A 206 13.80 10.55 14.85
N PRO A 207 14.93 10.40 14.14
CA PRO A 207 15.81 11.46 13.61
C PRO A 207 15.48 11.94 12.20
N GLY A 208 14.37 11.51 11.62
CA GLY A 208 13.98 11.94 10.28
C GLY A 208 14.50 11.08 9.13
N THR A 209 15.32 10.08 9.45
CA THR A 209 15.91 9.16 8.48
C THR A 209 15.22 7.78 8.55
N GLY A 210 15.65 6.84 7.70
CA GLY A 210 15.08 5.51 7.70
C GLY A 210 13.92 5.36 6.76
N ASP A 211 13.99 6.04 5.60
CA ASP A 211 12.93 5.88 4.58
C ASP A 211 13.12 4.46 4.00
N LEU A 212 12.02 3.85 3.54
CA LEU A 212 12.16 2.50 3.00
CA LEU A 212 11.97 2.57 2.86
C LEU A 212 13.02 2.52 1.71
N ARG A 213 13.23 3.70 1.07
CA ARG A 213 14.09 3.84 -0.10
C ARG A 213 15.59 3.97 0.25
N ASP A 214 15.94 4.05 1.55
CA ASP A 214 17.34 4.08 1.96
C ASP A 214 17.75 2.62 2.09
N ILE A 215 18.48 2.13 1.10
CA ILE A 215 18.86 0.73 1.04
C ILE A 215 20.36 0.50 1.03
N GLY A 216 21.19 1.51 1.28
CA GLY A 216 22.64 1.35 1.25
C GLY A 216 23.25 1.97 0.00
N ALA A 217 24.59 1.99 -0.09
CA ALA A 217 25.29 2.58 -1.24
C ALA A 217 26.61 1.83 -1.55
N GLY A 218 27.04 1.84 -2.82
CA GLY A 218 28.26 1.16 -3.26
C GLY A 218 28.19 -0.33 -2.96
N LYS A 219 29.24 -0.88 -2.31
CA LYS A 219 29.24 -2.30 -1.93
C LYS A 219 28.10 -2.64 -0.91
N GLY A 220 27.61 -1.62 -0.21
CA GLY A 220 26.54 -1.76 0.78
C GLY A 220 25.14 -1.69 0.20
N LYS A 221 24.99 -1.51 -1.14
CA LYS A 221 23.65 -1.44 -1.74
C LYS A 221 22.88 -2.73 -1.51
N TYR A 222 21.67 -2.64 -0.94
CA TYR A 222 20.80 -3.74 -0.52
C TYR A 222 21.15 -4.32 0.87
N TYR A 223 22.14 -3.75 1.57
CA TYR A 223 22.55 -4.23 2.90
C TYR A 223 22.01 -3.36 4.05
N ALA A 224 21.12 -2.40 3.74
CA ALA A 224 20.47 -1.58 4.75
C ALA A 224 18.97 -1.78 4.45
N VAL A 225 18.20 -2.14 5.47
CA VAL A 225 16.77 -2.42 5.36
C VAL A 225 16.05 -1.53 6.36
N ASN A 226 15.02 -0.81 5.90
CA ASN A 226 14.25 0.08 6.77
C ASN A 226 12.78 -0.22 6.61
N PHE A 227 12.08 -0.45 7.73
CA PHE A 227 10.64 -0.70 7.73
C PHE A 227 9.98 0.49 8.43
N PRO A 228 9.50 1.49 7.65
CA PRO A 228 8.87 2.67 8.23
C PRO A 228 7.45 2.38 8.70
N MET A 229 7.13 2.80 9.92
CA MET A 229 5.83 2.53 10.51
C MET A 229 5.15 3.81 10.98
N ARG A 230 3.83 3.75 11.14
CA ARG A 230 3.02 4.84 11.64
C ARG A 230 2.64 4.57 13.10
N ASP A 231 1.98 5.54 13.76
CA ASP A 231 1.56 5.37 15.15
C ASP A 231 0.67 4.17 15.41
N GLY A 232 0.71 3.67 16.63
CA GLY A 232 -0.17 2.62 17.12
C GLY A 232 0.00 1.20 16.69
N ILE A 233 1.18 0.81 16.15
CA ILE A 233 1.41 -0.59 15.79
C ILE A 233 1.22 -1.50 17.01
N ASP A 234 0.60 -2.66 16.83
CA ASP A 234 0.31 -3.58 17.93
C ASP A 234 1.05 -4.91 17.76
N ASP A 235 0.94 -5.82 18.77
CA ASP A 235 1.62 -7.11 18.73
C ASP A 235 1.30 -7.93 17.49
N GLU A 236 0.01 -8.01 17.12
CA GLU A 236 -0.47 -8.75 15.96
C GLU A 236 0.23 -8.28 14.69
N SER A 237 0.14 -6.98 14.38
CA SER A 237 0.74 -6.34 13.21
C SER A 237 2.27 -6.46 13.18
N TYR A 238 2.94 -6.19 14.31
CA TYR A 238 4.39 -6.26 14.38
C TYR A 238 4.85 -7.72 14.15
N GLY A 239 4.20 -8.66 14.83
CA GLY A 239 4.56 -10.08 14.75
C GLY A 239 4.43 -10.68 13.36
N GLN A 240 3.44 -10.18 12.60
CA GLN A 240 3.06 -10.52 11.22
C GLN A 240 4.16 -10.14 10.20
N ILE A 241 5.00 -9.13 10.52
CA ILE A 241 6.05 -8.74 9.60
C ILE A 241 7.44 -9.06 10.10
N PHE A 242 7.65 -9.11 11.43
CA PHE A 242 9.00 -9.32 11.98
C PHE A 242 9.58 -10.69 11.60
N LYS A 243 8.90 -11.77 11.95
CA LYS A 243 9.38 -13.12 11.64
C LYS A 243 9.62 -13.32 10.11
N PRO A 244 8.66 -13.00 9.22
CA PRO A 244 8.93 -13.18 7.77
C PRO A 244 10.14 -12.35 7.26
N ILE A 245 10.30 -11.09 7.73
CA ILE A 245 11.43 -10.28 7.28
C ILE A 245 12.77 -10.85 7.80
N ILE A 246 12.83 -11.16 9.08
CA ILE A 246 14.05 -11.70 9.67
C ILE A 246 14.38 -13.08 9.06
N SER A 247 13.37 -13.91 8.80
CA SER A 247 13.61 -15.21 8.15
C SER A 247 14.23 -15.04 6.76
N LYS A 248 13.73 -14.09 5.96
CA LYS A 248 14.24 -13.84 4.62
C LYS A 248 15.65 -13.27 4.68
N VAL A 249 15.90 -12.36 5.64
CA VAL A 249 17.23 -11.79 5.82
C VAL A 249 18.21 -12.91 6.20
N MET A 250 17.83 -13.80 7.14
CA MET A 250 18.70 -14.90 7.55
C MET A 250 19.03 -15.81 6.34
N GLU A 251 18.01 -16.15 5.57
CA GLU A 251 18.15 -17.01 4.40
C GLU A 251 19.11 -16.41 3.35
N MET A 252 18.90 -15.15 2.97
CA MET A 252 19.73 -14.51 1.95
C MET A 252 21.12 -14.06 2.42
N TYR A 253 21.19 -13.47 3.61
CA TYR A 253 22.45 -12.92 4.12
C TYR A 253 23.37 -13.91 4.82
N GLN A 254 22.81 -14.92 5.50
CA GLN A 254 23.57 -15.95 6.22
C GLN A 254 24.61 -15.34 7.17
N PRO A 255 24.19 -14.49 8.13
CA PRO A 255 25.17 -13.89 9.04
C PRO A 255 25.74 -14.96 9.98
N SER A 256 26.94 -14.74 10.52
CA SER A 256 27.49 -15.68 11.49
C SER A 256 27.35 -15.16 12.95
N ALA A 257 26.92 -13.89 13.13
CA ALA A 257 26.67 -13.27 14.45
C ALA A 257 25.56 -12.22 14.29
N VAL A 258 24.82 -11.99 15.37
CA VAL A 258 23.71 -11.04 15.39
C VAL A 258 23.78 -10.09 16.59
N VAL A 259 23.41 -8.82 16.38
CA VAL A 259 23.34 -7.82 17.45
C VAL A 259 21.89 -7.34 17.38
N LEU A 260 21.17 -7.43 18.49
CA LEU A 260 19.78 -7.02 18.54
C LEU A 260 19.63 -5.88 19.54
N GLN A 261 19.26 -4.69 19.04
CA GLN A 261 19.03 -3.51 19.87
C GLN A 261 17.53 -3.62 20.29
N CYS A 262 17.29 -3.75 21.63
CA CYS A 262 15.96 -3.95 22.20
C CYS A 262 15.34 -2.72 22.82
N GLY A 263 15.50 -1.55 22.21
CA GLY A 263 14.92 -0.31 22.72
C GLY A 263 13.45 -0.48 23.08
N ALA A 264 13.11 -0.21 24.33
CA ALA A 264 11.77 -0.41 24.88
C ALA A 264 10.81 0.75 24.70
N ASP A 265 11.21 1.79 23.96
CA ASP A 265 10.30 2.92 23.67
C ASP A 265 9.23 2.57 22.60
N SER A 266 9.27 1.34 22.07
CA SER A 266 8.26 0.83 21.15
C SER A 266 7.08 0.20 21.96
N LEU A 267 7.13 0.21 23.34
CA LEU A 267 6.03 -0.32 24.13
C LEU A 267 4.93 0.70 24.26
N SER A 268 3.70 0.20 24.44
CA SER A 268 2.51 1.00 24.74
C SER A 268 2.77 1.85 26.01
N GLY A 269 2.35 3.10 26.00
CA GLY A 269 2.51 3.98 27.15
C GLY A 269 3.87 4.62 27.32
N ASP A 270 4.77 4.47 26.33
CA ASP A 270 6.09 5.10 26.45
C ASP A 270 5.92 6.63 26.43
N ARG A 271 6.72 7.33 27.25
CA ARG A 271 6.66 8.79 27.32
C ARG A 271 6.99 9.49 25.99
N LEU A 272 7.90 8.93 25.18
CA LEU A 272 8.27 9.53 23.90
CA LEU A 272 8.31 9.52 23.90
C LEU A 272 7.73 8.77 22.69
N GLY A 273 7.47 7.49 22.83
CA GLY A 273 6.96 6.68 21.74
C GLY A 273 5.46 6.67 21.57
N CYS A 274 5.01 6.33 20.36
CA CYS A 274 3.59 6.26 20.08
C CYS A 274 3.21 4.93 19.43
N PHE A 275 3.87 3.82 19.84
CA PHE A 275 3.54 2.45 19.40
C PHE A 275 2.68 1.82 20.51
N ASN A 276 2.13 0.63 20.26
CA ASN A 276 1.24 -0.03 21.19
C ASN A 276 1.60 -1.48 21.45
N LEU A 277 2.91 -1.81 21.50
CA LEU A 277 3.30 -3.18 21.79
C LEU A 277 3.21 -3.47 23.28
N THR A 278 3.00 -4.73 23.62
CA THR A 278 3.06 -5.18 24.99
C THR A 278 4.49 -5.76 25.19
N VAL A 279 4.87 -6.12 26.43
CA VAL A 279 6.16 -6.73 26.70
C VAL A 279 6.25 -8.09 25.95
N LYS A 280 5.15 -8.85 25.87
CA LYS A 280 5.14 -10.11 25.12
C LYS A 280 5.39 -9.90 23.63
N GLY A 281 4.77 -8.88 23.05
CA GLY A 281 4.93 -8.57 21.63
C GLY A 281 6.36 -8.13 21.32
N HIS A 282 6.94 -7.32 22.21
CA HIS A 282 8.29 -6.84 22.07
C HIS A 282 9.25 -8.05 22.18
N ALA A 283 9.06 -8.90 23.21
CA ALA A 283 9.91 -10.07 23.48
C ALA A 283 9.79 -11.15 22.43
N LYS A 284 8.69 -11.18 21.67
CA LYS A 284 8.54 -12.14 20.56
C LYS A 284 9.71 -11.90 19.55
N CYS A 285 10.22 -10.66 19.43
CA CYS A 285 11.36 -10.39 18.54
C CYS A 285 12.58 -11.11 19.02
N VAL A 286 12.82 -11.13 20.33
CA VAL A 286 13.95 -11.84 20.93
C VAL A 286 13.81 -13.32 20.67
N GLU A 287 12.60 -13.88 20.90
CA GLU A 287 12.33 -15.30 20.65
C GLU A 287 12.62 -15.65 19.19
N VAL A 288 12.15 -14.81 18.26
CA VAL A 288 12.38 -15.03 16.83
C VAL A 288 13.88 -15.08 16.49
N VAL A 289 14.66 -14.10 16.98
CA VAL A 289 16.09 -14.06 16.68
C VAL A 289 16.84 -15.26 17.28
N LYS A 290 16.50 -15.57 18.53
CA LYS A 290 17.12 -16.65 19.28
C LYS A 290 16.95 -18.01 18.59
N THR A 291 15.85 -18.21 17.88
CA THR A 291 15.55 -19.46 17.19
C THR A 291 16.60 -19.83 16.12
N PHE A 292 17.31 -18.83 15.53
CA PHE A 292 18.33 -19.09 14.50
C PHE A 292 19.64 -19.68 15.05
N ASN A 293 19.79 -19.76 16.38
CA ASN A 293 20.97 -20.34 17.03
C ASN A 293 22.32 -19.74 16.60
N LEU A 294 22.40 -18.41 16.48
CA LEU A 294 23.66 -17.76 16.13
C LEU A 294 24.18 -16.98 17.34
N PRO A 295 25.51 -16.72 17.45
CA PRO A 295 26.02 -15.88 18.56
C PRO A 295 25.23 -14.57 18.58
N LEU A 296 24.67 -14.20 19.74
CA LEU A 296 23.79 -13.03 19.81
C LEU A 296 24.17 -12.06 20.92
N LEU A 297 24.28 -10.78 20.57
CA LEU A 297 24.57 -9.73 21.52
C LEU A 297 23.26 -8.94 21.65
N MET A 298 22.64 -8.98 22.82
CA MET A 298 21.39 -8.24 23.08
C MET A 298 21.69 -6.95 23.84
N LEU A 299 21.21 -5.82 23.31
CA LEU A 299 21.46 -4.51 23.90
C LEU A 299 20.19 -3.74 24.25
N GLY A 300 20.33 -2.71 25.08
CA GLY A 300 19.23 -1.86 25.47
C GLY A 300 19.01 -0.79 24.42
N GLY A 301 18.65 0.39 24.88
CA GLY A 301 18.40 1.51 23.98
C GLY A 301 17.40 2.45 24.63
N GLY A 302 16.40 2.88 23.87
CA GLY A 302 15.39 3.79 24.41
C GLY A 302 14.45 3.10 25.39
N GLY A 303 13.53 3.88 25.96
CA GLY A 303 12.59 3.37 26.94
C GLY A 303 12.51 4.47 27.98
N TYR A 304 11.34 5.14 28.01
CA TYR A 304 11.17 6.35 28.79
C TYR A 304 10.05 6.33 29.84
N THR A 305 9.32 5.19 30.00
CA THR A 305 8.34 4.96 31.08
C THR A 305 9.10 3.85 31.82
N ILE A 306 9.92 4.25 32.80
CA ILE A 306 10.90 3.33 33.37
C ILE A 306 10.33 2.08 34.01
N ARG A 307 9.10 2.07 34.59
CA ARG A 307 8.58 0.79 35.13
C ARG A 307 8.38 -0.23 33.98
N ASN A 308 7.99 0.24 32.77
CA ASN A 308 7.80 -0.68 31.65
C ASN A 308 9.11 -1.13 31.05
N VAL A 309 10.16 -0.31 31.10
CA VAL A 309 11.47 -0.69 30.61
C VAL A 309 12.01 -1.83 31.48
N ALA A 310 11.88 -1.69 32.82
CA ALA A 310 12.33 -2.74 33.74
C ALA A 310 11.55 -4.04 33.49
N ARG A 311 10.24 -3.96 33.28
CA ARG A 311 9.44 -5.16 33.01
C ARG A 311 9.92 -5.82 31.71
N CYS A 312 10.09 -5.00 30.66
CA CYS A 312 10.48 -5.45 29.32
C CYS A 312 11.82 -6.19 29.33
N TRP A 313 12.86 -5.54 29.88
CA TRP A 313 14.18 -6.12 29.85
C TRP A 313 14.34 -7.27 30.82
N THR A 314 13.55 -7.30 31.92
CA THR A 314 13.60 -8.44 32.83
C THR A 314 12.99 -9.66 32.07
N TYR A 315 11.86 -9.44 31.36
CA TYR A 315 11.22 -10.51 30.64
C TYR A 315 12.10 -11.00 29.48
N GLU A 316 12.79 -10.09 28.78
CA GLU A 316 13.69 -10.46 27.68
C GLU A 316 14.93 -11.22 28.18
N THR A 317 15.37 -10.95 29.41
CA THR A 317 16.49 -11.71 30.00
C THR A 317 15.95 -13.15 30.26
N ALA A 318 14.72 -13.27 30.80
CA ALA A 318 14.10 -14.58 31.06
C ALA A 318 13.96 -15.36 29.75
N VAL A 319 13.60 -14.66 28.66
CA VAL A 319 13.49 -15.26 27.32
C VAL A 319 14.84 -15.80 26.88
N ALA A 320 15.91 -15.02 27.05
CA ALA A 320 17.28 -15.43 26.69
C ALA A 320 17.66 -16.73 27.43
N LEU A 321 17.25 -16.83 28.69
CA LEU A 321 17.54 -17.97 29.56
C LEU A 321 16.56 -19.14 29.38
N ASP A 322 15.50 -18.99 28.59
CA ASP A 322 14.46 -20.01 28.44
C ASP A 322 13.85 -20.32 29.83
N CYS A 323 13.70 -19.28 30.66
CA CYS A 323 13.15 -19.41 31.99
CA CYS A 323 13.17 -19.38 32.01
C CYS A 323 11.77 -18.76 32.08
N GLU A 324 10.79 -19.52 32.56
CA GLU A 324 9.45 -18.99 32.69
C GLU A 324 9.44 -18.28 34.04
N ILE A 325 8.86 -17.08 34.07
CA ILE A 325 8.77 -16.32 35.31
C ILE A 325 7.31 -15.92 35.51
N PRO A 326 6.84 -15.91 36.77
CA PRO A 326 5.44 -15.55 37.03
C PRO A 326 5.07 -14.10 36.73
N ASN A 327 3.79 -13.87 36.43
CA ASN A 327 3.29 -12.53 36.14
C ASN A 327 3.27 -11.69 37.43
N GLU A 328 3.07 -12.32 38.60
CA GLU A 328 3.07 -11.61 39.87
C GLU A 328 4.53 -11.15 40.16
N LEU A 329 4.74 -9.84 40.29
CA LEU A 329 6.08 -9.31 40.53
C LEU A 329 6.55 -9.67 41.94
N PRO A 330 7.79 -10.14 42.06
CA PRO A 330 8.32 -10.39 43.40
C PRO A 330 8.59 -9.04 44.05
N TYR A 331 8.66 -9.02 45.39
CA TYR A 331 9.00 -7.80 46.11
C TYR A 331 10.43 -7.37 45.67
N ASN A 332 10.65 -6.07 45.55
CA ASN A 332 11.96 -5.56 45.10
C ASN A 332 12.16 -4.14 45.62
N ASP A 333 13.37 -3.57 45.44
CA ASP A 333 13.70 -2.25 45.94
C ASP A 333 12.86 -1.11 45.36
N TYR A 334 12.20 -1.37 44.23
CA TYR A 334 11.40 -0.37 43.53
C TYR A 334 9.97 -0.82 43.37
N PHE A 335 9.48 -1.69 44.26
CA PHE A 335 8.14 -2.27 44.20
C PHE A 335 7.03 -1.26 43.93
N GLU A 336 7.05 -0.13 44.63
CA GLU A 336 6.05 0.93 44.48
C GLU A 336 5.96 1.53 43.05
N TYR A 337 7.05 1.41 42.24
CA TYR A 337 7.00 1.95 40.87
C TYR A 337 6.05 1.13 39.97
N PHE A 338 5.77 -0.13 40.36
CA PHE A 338 4.99 -1.06 39.55
C PHE A 338 3.52 -1.13 39.86
N GLY A 339 3.03 -0.22 40.70
CA GLY A 339 1.62 -0.17 41.00
C GLY A 339 0.83 0.40 39.83
N PRO A 340 -0.50 0.38 39.85
CA PRO A 340 -1.37 -0.19 40.92
C PRO A 340 -1.52 -1.69 40.87
N ASP A 341 -1.04 -2.35 39.80
CA ASP A 341 -1.20 -3.78 39.56
C ASP A 341 -0.12 -4.72 40.09
N PHE A 342 1.14 -4.28 40.10
CA PHE A 342 2.27 -5.10 40.57
C PHE A 342 2.39 -6.39 39.76
N LYS A 343 2.15 -6.28 38.45
CA LYS A 343 2.27 -7.41 37.51
C LYS A 343 3.40 -7.13 36.53
N LEU A 344 3.96 -8.18 35.92
CA LEU A 344 5.06 -8.03 34.97
C LEU A 344 4.56 -7.59 33.60
N HIS A 345 3.47 -8.22 33.13
CA HIS A 345 2.96 -7.94 31.80
C HIS A 345 2.04 -6.74 31.74
N ILE A 346 2.01 -6.08 30.58
CA ILE A 346 1.23 -4.87 30.41
C ILE A 346 0.12 -5.06 29.38
N SER A 347 -0.88 -4.20 29.43
CA SER A 347 -2.01 -4.24 28.52
C SER A 347 -1.83 -3.18 27.45
N PRO A 348 -2.23 -3.45 26.19
CA PRO A 348 -2.14 -2.40 25.19
C PRO A 348 -3.23 -1.34 25.46
N SER A 349 -3.04 -0.15 24.93
CA SER A 349 -4.02 0.92 25.06
C SER A 349 -5.10 0.80 23.95
N ASN A 350 -6.10 1.71 23.95
CA ASN A 350 -7.14 1.71 22.92
C ASN A 350 -6.72 2.55 21.70
N MET A 351 -5.45 2.98 21.60
CA MET A 351 -5.02 3.81 20.47
C MET A 351 -5.25 3.12 19.12
N THR A 352 -5.58 3.92 18.11
CA THR A 352 -5.83 3.38 16.79
C THR A 352 -4.50 2.98 16.17
N ASN A 353 -4.50 1.84 15.49
CA ASN A 353 -3.34 1.38 14.78
C ASN A 353 -3.42 1.98 13.37
N GLN A 354 -2.60 2.98 13.07
CA GLN A 354 -2.59 3.61 11.75
CA GLN A 354 -2.60 3.62 11.75
C GLN A 354 -1.94 2.75 10.65
N ASN A 355 -1.30 1.64 11.05
CA ASN A 355 -0.65 0.72 10.12
C ASN A 355 -1.67 -0.32 9.70
N THR A 356 -2.40 -0.06 8.60
CA THR A 356 -3.40 -1.02 8.14
C THR A 356 -2.73 -2.33 7.74
N PRO A 357 -3.46 -3.43 7.77
CA PRO A 357 -2.89 -4.72 7.33
C PRO A 357 -2.35 -4.63 5.89
N GLU A 358 -3.01 -3.82 5.02
CA GLU A 358 -2.55 -3.67 3.62
C GLU A 358 -1.24 -2.91 3.53
N TYR A 359 -1.06 -1.89 4.38
CA TYR A 359 0.18 -1.11 4.40
C TYR A 359 1.32 -2.06 4.86
N MET A 360 1.07 -2.86 5.92
CA MET A 360 2.10 -3.77 6.42
C MET A 360 2.56 -4.76 5.34
N GLU A 361 1.61 -5.35 4.62
CA GLU A 361 1.95 -6.30 3.55
C GLU A 361 2.68 -5.63 2.41
N LYS A 362 2.25 -4.42 2.04
CA LYS A 362 2.87 -3.70 0.92
C LYS A 362 4.33 -3.35 1.21
N ILE A 363 4.61 -2.85 2.43
CA ILE A 363 6.00 -2.51 2.80
C ILE A 363 6.84 -3.81 2.85
N LYS A 364 6.28 -4.88 3.41
CA LYS A 364 7.00 -6.16 3.47
C LYS A 364 7.34 -6.67 2.07
N GLN A 365 6.39 -6.52 1.12
CA GLN A 365 6.64 -6.95 -0.24
C GLN A 365 7.73 -6.11 -0.91
N ARG A 366 7.77 -4.79 -0.67
CA ARG A 366 8.83 -3.96 -1.22
C ARG A 366 10.20 -4.36 -0.63
N LEU A 367 10.23 -4.71 0.66
CA LEU A 367 11.49 -5.12 1.30
C LEU A 367 11.93 -6.47 0.73
N PHE A 368 10.99 -7.38 0.49
CA PHE A 368 11.29 -8.67 -0.13
C PHE A 368 11.93 -8.49 -1.52
N GLU A 369 11.45 -7.50 -2.33
CA GLU A 369 12.01 -7.23 -3.67
CA GLU A 369 12.02 -7.27 -3.66
C GLU A 369 13.48 -6.85 -3.54
N ASN A 370 13.81 -6.02 -2.52
CA ASN A 370 15.17 -5.57 -2.30
C ASN A 370 16.04 -6.74 -1.87
N LEU A 371 15.52 -7.62 -1.01
CA LEU A 371 16.23 -8.79 -0.53
C LEU A 371 16.51 -9.80 -1.67
N ARG A 372 15.69 -9.80 -2.75
CA ARG A 372 15.92 -10.66 -3.91
C ARG A 372 17.20 -10.20 -4.67
N MET A 373 17.64 -8.95 -4.47
CA MET A 373 18.83 -8.41 -5.10
C MET A 373 20.15 -8.80 -4.45
N LEU A 374 20.12 -9.52 -3.32
CA LEU A 374 21.35 -9.96 -2.67
C LEU A 374 21.93 -11.17 -3.44
N PRO A 375 23.28 -11.36 -3.43
CA PRO A 375 23.86 -12.50 -4.17
C PRO A 375 23.47 -13.87 -3.60
N LYS B 10 5.73 23.47 -22.82
CA LYS B 10 4.75 24.31 -22.12
C LYS B 10 5.05 24.39 -20.61
N LYS B 11 5.42 25.60 -20.15
CA LYS B 11 5.78 25.89 -18.76
C LYS B 11 4.60 25.82 -17.80
N VAL B 12 4.81 25.22 -16.62
CA VAL B 12 3.77 25.12 -15.62
C VAL B 12 4.21 25.76 -14.30
N CYS B 13 3.41 26.68 -13.76
CA CYS B 13 3.70 27.27 -12.45
C CYS B 13 2.61 26.75 -11.50
N TYR B 14 2.98 26.42 -10.28
CA TYR B 14 2.09 25.79 -9.33
C TYR B 14 2.21 26.49 -7.98
N TYR B 15 1.06 26.77 -7.34
CA TYR B 15 1.03 27.50 -6.08
C TYR B 15 0.65 26.60 -4.95
N TYR B 16 1.42 26.67 -3.86
CA TYR B 16 1.19 25.87 -2.67
C TYR B 16 1.78 26.51 -1.42
N ASP B 17 1.00 26.60 -0.35
CA ASP B 17 1.51 27.11 0.93
C ASP B 17 1.43 25.93 1.89
N GLY B 18 2.53 25.61 2.55
CA GLY B 18 2.62 24.52 3.51
C GLY B 18 1.66 24.58 4.71
N ASP B 19 1.07 25.76 5.02
CA ASP B 19 0.11 25.84 6.12
C ASP B 19 -1.31 25.41 5.69
N ILE B 20 -1.58 25.37 4.36
CA ILE B 20 -2.92 25.11 3.83
C ILE B 20 -3.58 23.85 4.40
N GLY B 21 -2.84 22.76 4.56
CA GLY B 21 -3.39 21.51 5.06
C GLY B 21 -3.77 21.50 6.52
N ASN B 22 -3.33 22.52 7.28
CA ASN B 22 -3.62 22.62 8.72
C ASN B 22 -4.94 23.29 9.05
N TYR B 23 -5.57 23.98 8.09
CA TYR B 23 -6.86 24.62 8.35
C TYR B 23 -7.90 23.50 8.49
N TYR B 24 -8.77 23.62 9.48
CA TYR B 24 -9.71 22.56 9.79
C TYR B 24 -11.12 23.08 9.94
N TYR B 25 -12.04 22.59 9.10
CA TYR B 25 -13.44 23.01 9.12
C TYR B 25 -14.22 22.48 10.34
N GLY B 26 -13.68 21.49 11.04
CA GLY B 26 -14.37 20.93 12.20
C GLY B 26 -14.72 19.47 12.03
N GLN B 27 -14.96 18.79 13.15
CA GLN B 27 -15.30 17.37 13.16
C GLN B 27 -16.51 17.02 12.32
N GLY B 28 -16.33 16.09 11.40
CA GLY B 28 -17.38 15.62 10.51
C GLY B 28 -17.60 16.46 9.27
N HIS B 29 -17.01 17.69 9.20
CA HIS B 29 -17.21 18.52 8.01
C HIS B 29 -16.51 17.84 6.80
N PRO B 30 -17.21 17.67 5.67
CA PRO B 30 -16.57 16.98 4.53
C PRO B 30 -15.39 17.70 3.87
N MET B 31 -15.31 19.03 3.97
CA MET B 31 -14.22 19.77 3.32
C MET B 31 -12.95 19.64 4.13
N LYS B 32 -11.92 19.02 3.54
CA LYS B 32 -10.68 18.78 4.27
C LYS B 32 -9.45 19.33 3.56
N PRO B 33 -8.99 20.52 3.97
CA PRO B 33 -7.80 21.11 3.32
C PRO B 33 -6.55 20.21 3.30
N HIS B 34 -6.46 19.25 4.23
CA HIS B 34 -5.37 18.25 4.27
C HIS B 34 -5.22 17.54 2.89
N ARG B 35 -6.32 17.41 2.11
CA ARG B 35 -6.23 16.76 0.80
C ARG B 35 -5.26 17.52 -0.15
N ILE B 36 -5.08 18.83 0.05
CA ILE B 36 -4.16 19.63 -0.78
C ILE B 36 -2.70 19.23 -0.46
N ARG B 37 -2.42 19.03 0.83
CA ARG B 37 -1.10 18.59 1.30
C ARG B 37 -0.84 17.17 0.81
N MET B 38 -1.85 16.28 0.86
CA MET B 38 -1.70 14.92 0.34
C MET B 38 -1.33 14.95 -1.15
N THR B 39 -2.00 15.81 -1.93
CA THR B 39 -1.73 15.99 -3.34
C THR B 39 -0.27 16.46 -3.54
N HIS B 40 0.15 17.49 -2.77
CA HIS B 40 1.49 18.05 -2.86
C HIS B 40 2.55 17.00 -2.57
N ASN B 41 2.33 16.20 -1.51
CA ASN B 41 3.33 15.21 -1.14
C ASN B 41 3.39 14.07 -2.14
N LEU B 42 2.26 13.69 -2.74
CA LEU B 42 2.27 12.63 -3.74
C LEU B 42 3.05 13.10 -4.99
N LEU B 43 2.81 14.34 -5.47
N LEU B 43 2.82 14.36 -5.40
CA LEU B 43 3.51 14.81 -6.66
CA LEU B 43 3.50 14.98 -6.53
C LEU B 43 5.03 15.03 -6.37
C LEU B 43 4.99 14.99 -6.33
N LEU B 44 5.42 15.34 -5.10
CA LEU B 44 6.85 15.41 -4.74
C LEU B 44 7.46 14.02 -4.90
N ASN B 45 6.76 13.00 -4.40
CA ASN B 45 7.29 11.64 -4.42
C ASN B 45 7.27 10.99 -5.82
N TYR B 46 6.46 11.53 -6.73
CA TYR B 46 6.49 11.09 -8.12
C TYR B 46 7.66 11.79 -8.90
N GLY B 47 8.32 12.77 -8.28
CA GLY B 47 9.41 13.51 -8.90
C GLY B 47 8.94 14.64 -9.79
N LEU B 48 7.66 15.03 -9.69
CA LEU B 48 7.05 16.03 -10.55
C LEU B 48 7.49 17.48 -10.29
N TYR B 49 8.18 17.77 -9.18
CA TYR B 49 8.66 19.15 -8.95
C TYR B 49 9.76 19.54 -9.95
N ARG B 50 10.50 18.56 -10.48
CA ARG B 50 11.60 18.81 -11.40
C ARG B 50 11.28 19.69 -12.58
N LYS B 51 10.11 19.49 -13.19
CA LYS B 51 9.75 20.26 -14.38
C LYS B 51 8.77 21.39 -14.15
N MET B 52 8.45 21.76 -12.89
CA MET B 52 7.53 22.90 -12.73
CA MET B 52 7.50 22.82 -12.61
C MET B 52 8.05 23.92 -11.70
N GLU B 53 7.58 25.15 -11.84
CA GLU B 53 8.01 26.24 -10.97
C GLU B 53 7.02 26.20 -9.83
N ILE B 54 7.51 26.00 -8.63
CA ILE B 54 6.65 25.95 -7.48
C ILE B 54 6.80 27.24 -6.69
N TYR B 55 5.67 27.91 -6.41
CA TYR B 55 5.68 29.14 -5.63
C TYR B 55 4.77 29.05 -4.42
N ARG B 56 5.11 29.81 -3.38
CA ARG B 56 4.30 29.96 -2.19
C ARG B 56 3.45 31.22 -2.53
N PRO B 57 2.12 31.11 -2.45
CA PRO B 57 1.28 32.26 -2.75
C PRO B 57 1.40 33.35 -1.69
N HIS B 58 1.14 34.61 -2.04
CA HIS B 58 1.08 35.65 -1.04
C HIS B 58 -0.33 35.52 -0.38
N LYS B 59 -0.54 36.18 0.76
CA LYS B 59 -1.85 36.21 1.40
C LYS B 59 -2.57 37.36 0.70
N ALA B 60 -3.62 37.07 -0.07
CA ALA B 60 -4.38 38.13 -0.76
C ALA B 60 -4.95 39.15 0.25
N THR B 61 -4.81 40.43 -0.06
CA THR B 61 -5.26 41.50 0.81
C THR B 61 -6.76 41.76 0.74
N ALA B 62 -7.30 42.50 1.74
CA ALA B 62 -8.74 42.86 1.71
C ALA B 62 -9.03 43.71 0.45
N GLU B 63 -8.05 44.53 0.01
CA GLU B 63 -8.15 45.37 -1.19
C GLU B 63 -8.29 44.49 -2.46
N GLU B 64 -7.55 43.37 -2.51
CA GLU B 64 -7.64 42.46 -3.63
C GLU B 64 -9.03 41.78 -3.60
N MET B 65 -9.50 41.34 -2.43
CA MET B 65 -10.80 40.65 -2.31
C MET B 65 -11.99 41.56 -2.60
N THR B 66 -11.87 42.87 -2.27
CA THR B 66 -12.98 43.79 -2.54
C THR B 66 -13.07 44.22 -4.00
N LYS B 67 -12.21 43.67 -4.91
CA LYS B 67 -12.40 43.93 -6.33
C LYS B 67 -13.74 43.25 -6.78
N TYR B 68 -14.25 42.28 -5.98
CA TYR B 68 -15.51 41.62 -6.21
C TYR B 68 -16.41 41.68 -4.95
N HIS B 69 -15.94 41.16 -3.82
CA HIS B 69 -16.75 41.12 -2.60
C HIS B 69 -17.01 42.50 -1.99
N SER B 70 -18.08 42.63 -1.20
CA SER B 70 -18.37 43.89 -0.52
C SER B 70 -17.41 44.11 0.64
N ASP B 71 -17.11 45.38 0.91
CA ASP B 71 -16.22 45.79 1.99
C ASP B 71 -16.72 45.27 3.33
N GLU B 72 -18.04 45.27 3.54
CA GLU B 72 -18.66 44.79 4.78
C GLU B 72 -18.45 43.28 4.99
N TYR B 73 -18.62 42.50 3.93
CA TYR B 73 -18.44 41.04 4.02
C TYR B 73 -16.98 40.66 4.31
N ILE B 74 -16.03 41.30 3.63
CA ILE B 74 -14.60 41.04 3.84
C ILE B 74 -14.17 41.47 5.23
N LYS B 75 -14.69 42.62 5.72
CA LYS B 75 -14.38 43.07 7.09
C LYS B 75 -14.88 42.04 8.09
N PHE B 76 -16.07 41.45 7.84
CA PHE B 76 -16.61 40.40 8.69
C PHE B 76 -15.68 39.14 8.70
N LEU B 77 -15.25 38.67 7.51
CA LEU B 77 -14.38 37.48 7.45
C LEU B 77 -13.04 37.76 8.16
N ARG B 78 -12.53 39.00 8.05
CA ARG B 78 -11.26 39.39 8.68
C ARG B 78 -11.38 39.55 10.22
N SER B 79 -12.60 39.69 10.75
CA SER B 79 -12.85 39.89 12.19
C SER B 79 -13.38 38.69 12.97
N ILE B 80 -14.20 37.85 12.33
CA ILE B 80 -14.85 36.71 12.97
C ILE B 80 -13.86 35.62 13.40
N ARG B 81 -14.03 35.13 14.63
CA ARG B 81 -13.21 34.10 15.23
C ARG B 81 -14.11 33.23 16.11
N PRO B 82 -13.74 31.96 16.36
CA PRO B 82 -14.56 31.13 17.25
C PRO B 82 -14.77 31.75 18.64
N ASP B 83 -13.79 32.52 19.16
CA ASP B 83 -13.90 33.10 20.50
C ASP B 83 -14.71 34.41 20.56
N ASN B 84 -15.12 34.99 19.41
CA ASN B 84 -15.92 36.21 19.43
C ASN B 84 -17.28 36.09 18.71
N MET B 85 -17.63 34.86 18.25
CA MET B 85 -18.86 34.48 17.54
C MET B 85 -20.14 34.98 18.23
N SER B 86 -20.19 34.89 19.56
CA SER B 86 -21.36 35.34 20.31
C SER B 86 -21.68 36.84 20.11
N GLU B 87 -20.73 37.64 19.63
CA GLU B 87 -20.96 39.07 19.38
C GLU B 87 -21.33 39.38 17.91
N TYR B 88 -21.37 38.35 17.03
CA TYR B 88 -21.65 38.54 15.61
C TYR B 88 -22.84 37.72 15.11
N SER B 89 -23.80 37.38 15.98
CA SER B 89 -24.96 36.58 15.57
C SER B 89 -25.75 37.18 14.39
N LYS B 90 -25.94 38.51 14.33
CA LYS B 90 -26.66 39.13 13.20
C LYS B 90 -25.86 39.01 11.90
N GLN B 91 -24.56 39.34 11.93
CA GLN B 91 -23.73 39.26 10.73
C GLN B 91 -23.54 37.81 10.25
N MET B 92 -23.45 36.84 11.16
CA MET B 92 -23.32 35.43 10.77
C MET B 92 -24.56 34.97 9.98
N GLN B 93 -25.75 35.45 10.38
CA GLN B 93 -26.99 35.10 9.70
C GLN B 93 -27.02 35.80 8.34
N ARG B 94 -26.66 37.08 8.28
CA ARG B 94 -26.67 37.82 7.03
C ARG B 94 -25.66 37.26 5.99
N PHE B 95 -24.48 36.87 6.45
CA PHE B 95 -23.41 36.38 5.58
C PHE B 95 -23.41 34.85 5.37
N ASN B 96 -24.43 34.16 5.87
CA ASN B 96 -24.64 32.72 5.72
C ASN B 96 -23.55 31.84 6.34
N VAL B 97 -23.04 32.25 7.50
CA VAL B 97 -22.06 31.45 8.20
C VAL B 97 -22.92 30.49 9.02
N GLY B 98 -22.65 29.21 8.89
CA GLY B 98 -23.41 28.18 9.58
C GLY B 98 -22.78 26.83 9.42
N GLU B 99 -23.59 25.77 9.29
CA GLU B 99 -23.03 24.41 9.18
C GLU B 99 -22.13 24.21 7.97
N ASP B 100 -22.58 24.61 6.77
CA ASP B 100 -21.79 24.41 5.57
C ASP B 100 -20.55 25.32 5.59
N CYS B 101 -20.70 26.55 6.08
CA CYS B 101 -19.60 27.50 6.11
C CYS B 101 -19.35 27.92 7.56
N PRO B 102 -18.70 27.06 8.35
CA PRO B 102 -18.49 27.38 9.78
C PRO B 102 -17.38 28.39 10.03
N VAL B 103 -17.31 28.87 11.27
CA VAL B 103 -16.26 29.76 11.69
C VAL B 103 -15.20 28.84 12.22
N PHE B 104 -13.98 28.91 11.67
CA PHE B 104 -12.89 28.09 12.20
C PHE B 104 -11.63 28.92 12.42
N ASP B 105 -10.68 28.40 13.21
CA ASP B 105 -9.44 29.11 13.49
C ASP B 105 -8.66 29.33 12.20
N GLY B 106 -8.29 30.58 11.95
CA GLY B 106 -7.51 30.93 10.77
C GLY B 106 -8.31 30.99 9.49
N LEU B 107 -9.64 31.06 9.59
CA LEU B 107 -10.52 31.17 8.41
C LEU B 107 -10.06 32.23 7.40
N PHE B 108 -9.75 33.46 7.87
CA PHE B 108 -9.36 34.51 6.95
C PHE B 108 -8.06 34.17 6.23
N GLU B 109 -7.08 33.64 6.97
CA GLU B 109 -5.79 33.29 6.40
C GLU B 109 -5.96 32.18 5.35
N PHE B 110 -6.86 31.22 5.60
CA PHE B 110 -7.18 30.15 4.64
C PHE B 110 -7.71 30.81 3.34
N CYS B 111 -8.63 31.79 3.49
CA CYS B 111 -9.19 32.51 2.35
C CYS B 111 -8.10 33.26 1.59
N GLN B 112 -7.21 33.94 2.32
CA GLN B 112 -6.14 34.71 1.72
C GLN B 112 -5.19 33.85 0.91
N LEU B 113 -4.87 32.64 1.40
CA LEU B 113 -3.96 31.73 0.71
C LEU B 113 -4.60 31.07 -0.49
N SER B 114 -5.86 30.64 -0.37
CA SER B 114 -6.57 30.05 -1.50
C SER B 114 -6.73 31.09 -2.62
N THR B 115 -7.12 32.32 -2.28
CA THR B 115 -7.29 33.39 -3.26
C THR B 115 -5.93 33.83 -3.82
N GLY B 116 -4.92 33.96 -2.95
CA GLY B 116 -3.58 34.38 -3.35
C GLY B 116 -3.02 33.56 -4.50
N GLY B 117 -3.16 32.25 -4.41
CA GLY B 117 -2.69 31.37 -5.48
C GLY B 117 -3.42 31.57 -6.80
N SER B 118 -4.74 31.80 -6.75
CA SER B 118 -5.49 31.97 -8.00
C SER B 118 -5.14 33.30 -8.67
N VAL B 119 -5.11 34.40 -7.89
CA VAL B 119 -4.77 35.72 -8.43
CA VAL B 119 -4.79 35.70 -8.49
C VAL B 119 -3.31 35.77 -8.91
N ALA B 120 -2.37 35.17 -8.16
CA ALA B 120 -0.96 35.18 -8.58
C ALA B 120 -0.79 34.41 -9.89
N GLY B 121 -1.50 33.28 -10.02
CA GLY B 121 -1.46 32.50 -11.24
C GLY B 121 -2.01 33.28 -12.42
N ALA B 122 -3.09 34.05 -12.20
CA ALA B 122 -3.69 34.88 -13.26
C ALA B 122 -2.68 35.97 -13.68
N VAL B 123 -1.95 36.55 -12.71
CA VAL B 123 -0.93 37.57 -13.04
C VAL B 123 0.20 36.95 -13.90
N LYS B 124 0.68 35.74 -13.56
CA LYS B 124 1.73 35.07 -14.33
C LYS B 124 1.27 34.82 -15.76
N LEU B 125 -0.01 34.44 -15.93
CA LEU B 125 -0.55 34.21 -17.25
C LEU B 125 -0.61 35.54 -18.02
N ASN B 126 -1.08 36.62 -17.36
CA ASN B 126 -1.20 37.95 -17.98
C ASN B 126 0.18 38.47 -18.46
N ARG B 127 1.20 38.28 -17.63
CA ARG B 127 2.57 38.70 -17.96
C ARG B 127 3.29 37.77 -18.92
N GLN B 128 2.60 36.72 -19.42
CA GLN B 128 3.12 35.72 -20.34
C GLN B 128 4.37 35.03 -19.82
N GLN B 129 4.44 34.85 -18.50
CA GLN B 129 5.57 34.17 -17.86
C GLN B 129 5.35 32.66 -17.72
N THR B 130 4.15 32.16 -18.03
CA THR B 130 3.79 30.75 -18.00
C THR B 130 2.64 30.52 -18.99
N ASP B 131 2.49 29.30 -19.43
CA ASP B 131 1.40 28.87 -20.29
C ASP B 131 0.25 28.29 -19.40
N MET B 132 0.61 27.74 -18.24
CA MET B 132 -0.36 27.14 -17.33
C MET B 132 -0.01 27.47 -15.90
N ALA B 133 -1.03 27.83 -15.12
CA ALA B 133 -0.83 28.10 -13.69
C ALA B 133 -1.80 27.16 -12.95
N VAL B 134 -1.36 26.55 -11.84
CA VAL B 134 -2.16 25.60 -11.08
C VAL B 134 -2.29 26.05 -9.62
N ASN B 135 -3.51 26.00 -9.07
CA ASN B 135 -3.71 26.30 -7.66
C ASN B 135 -4.77 25.33 -7.12
N TRP B 136 -4.34 24.17 -6.57
CA TRP B 136 -5.30 23.19 -6.07
C TRP B 136 -6.07 23.69 -4.86
N ALA B 137 -5.57 24.72 -4.14
CA ALA B 137 -6.31 25.29 -3.01
C ALA B 137 -7.46 26.22 -3.43
N GLY B 138 -7.56 26.54 -4.72
CA GLY B 138 -8.59 27.43 -5.24
C GLY B 138 -9.78 26.68 -5.80
N GLY B 139 -10.59 27.36 -6.63
CA GLY B 139 -11.78 26.78 -7.25
C GLY B 139 -13.01 26.81 -6.35
N LEU B 140 -13.05 27.76 -5.40
CA LEU B 140 -14.19 27.86 -4.45
C LEU B 140 -15.34 28.65 -5.07
N HIS B 141 -15.99 27.99 -6.04
CA HIS B 141 -16.97 28.55 -6.94
C HIS B 141 -18.33 28.99 -6.37
N HIS B 142 -18.69 28.66 -5.12
CA HIS B 142 -20.03 29.08 -4.62
C HIS B 142 -20.09 30.42 -3.93
N ALA B 143 -18.96 30.95 -3.48
CA ALA B 143 -18.97 32.24 -2.75
C ALA B 143 -19.60 33.37 -3.54
N LYS B 144 -20.45 34.13 -2.87
CA LYS B 144 -21.17 35.25 -3.46
C LYS B 144 -20.54 36.58 -3.06
N LYS B 145 -20.96 37.66 -3.73
CA LYS B 145 -20.45 39.00 -3.44
C LYS B 145 -20.49 39.35 -1.96
N SER B 146 -21.62 39.08 -1.28
CA SER B 146 -21.72 39.41 0.14
CA SER B 146 -21.70 39.40 0.14
C SER B 146 -22.19 38.24 0.99
N GLU B 147 -21.82 37.00 0.62
CA GLU B 147 -22.23 35.86 1.43
C GLU B 147 -21.41 34.60 1.15
N ALA B 148 -21.22 33.80 2.19
CA ALA B 148 -20.53 32.53 2.06
C ALA B 148 -21.56 31.50 1.55
N SER B 149 -21.08 30.42 0.92
CA SER B 149 -21.98 29.38 0.44
C SER B 149 -21.21 28.14 0.11
N GLY B 150 -21.79 26.98 0.42
CA GLY B 150 -21.26 25.68 0.05
C GLY B 150 -19.77 25.48 0.26
N PHE B 151 -19.33 25.72 1.49
CA PHE B 151 -17.93 25.57 1.95
C PHE B 151 -16.97 26.66 1.42
N CYS B 152 -17.48 27.61 0.62
CA CYS B 152 -16.71 28.70 -0.01
C CYS B 152 -16.96 30.03 0.65
N TYR B 153 -15.89 30.79 0.92
CA TYR B 153 -16.06 32.10 1.57
C TYR B 153 -15.69 33.23 0.65
N VAL B 154 -14.55 33.10 -0.05
CA VAL B 154 -14.11 34.13 -0.97
C VAL B 154 -14.02 33.45 -2.31
N ASN B 155 -14.60 34.06 -3.32
CA ASN B 155 -14.62 33.49 -4.65
C ASN B 155 -13.31 33.83 -5.37
N ASP B 156 -12.29 32.99 -5.15
CA ASP B 156 -10.97 33.15 -5.78
C ASP B 156 -11.09 33.08 -7.32
N ILE B 157 -12.09 32.33 -7.86
CA ILE B 157 -12.24 32.21 -9.31
C ILE B 157 -12.64 33.53 -9.93
N VAL B 158 -13.65 34.19 -9.34
CA VAL B 158 -14.12 35.48 -9.85
C VAL B 158 -12.98 36.49 -9.78
N LEU B 159 -12.23 36.50 -8.68
CA LEU B 159 -11.11 37.44 -8.55
C LEU B 159 -10.02 37.14 -9.61
N ALA B 160 -9.72 35.85 -9.87
CA ALA B 160 -8.74 35.47 -10.92
C ALA B 160 -9.25 35.88 -12.31
N ILE B 161 -10.56 35.74 -12.57
CA ILE B 161 -11.13 36.11 -13.87
C ILE B 161 -11.06 37.63 -14.02
N LEU B 162 -11.35 38.38 -12.97
CA LEU B 162 -11.26 39.86 -13.02
C LEU B 162 -9.82 40.28 -13.40
N GLU B 163 -8.81 39.56 -12.83
CA GLU B 163 -7.41 39.82 -13.13
CA GLU B 163 -7.41 39.81 -13.13
C GLU B 163 -7.13 39.48 -14.60
N LEU B 164 -7.60 38.32 -15.08
CA LEU B 164 -7.41 37.95 -16.49
C LEU B 164 -8.07 38.98 -17.44
N LEU B 165 -9.25 39.53 -17.05
CA LEU B 165 -9.97 40.51 -17.88
C LEU B 165 -9.19 41.83 -18.11
N LYS B 166 -8.13 42.05 -17.32
CA LYS B 166 -7.29 43.25 -17.52
C LYS B 166 -6.52 43.16 -18.87
N TYR B 167 -6.17 41.93 -19.28
CA TYR B 167 -5.40 41.66 -20.47
C TYR B 167 -6.16 40.92 -21.55
N HIS B 168 -7.27 40.23 -21.21
CA HIS B 168 -8.01 39.40 -22.16
C HIS B 168 -9.42 39.86 -22.39
N GLN B 169 -9.79 40.08 -23.67
CA GLN B 169 -11.14 40.56 -24.00
C GLN B 169 -12.20 39.52 -23.63
N ARG B 170 -11.92 38.24 -23.89
CA ARG B 170 -12.86 37.16 -23.63
C ARG B 170 -12.18 36.03 -22.86
N VAL B 171 -12.77 35.64 -21.73
CA VAL B 171 -12.26 34.56 -20.88
C VAL B 171 -13.29 33.45 -20.82
N LEU B 172 -12.86 32.19 -21.00
CA LEU B 172 -13.75 31.07 -20.91
C LEU B 172 -13.54 30.39 -19.56
N TYR B 173 -14.62 30.13 -18.82
CA TYR B 173 -14.58 29.42 -17.54
C TYR B 173 -15.27 28.06 -17.77
N ILE B 174 -14.60 26.95 -17.40
CA ILE B 174 -15.14 25.59 -17.55
C ILE B 174 -15.11 24.95 -16.15
N ASP B 175 -16.22 24.36 -15.72
CA ASP B 175 -16.33 23.82 -14.37
C ASP B 175 -16.81 22.37 -14.43
N ILE B 176 -15.94 21.42 -14.00
CA ILE B 176 -16.25 19.98 -14.00
C ILE B 176 -16.48 19.41 -12.59
N ASP B 177 -16.66 20.32 -11.60
CA ASP B 177 -17.08 19.93 -10.26
C ASP B 177 -18.52 19.32 -10.42
N ILE B 178 -18.92 18.37 -9.57
CA ILE B 178 -20.27 17.80 -9.68
C ILE B 178 -21.35 18.87 -9.33
N HIS B 179 -20.99 19.92 -8.56
CA HIS B 179 -21.96 20.97 -8.21
C HIS B 179 -21.89 22.11 -9.24
N HIS B 180 -23.05 22.72 -9.54
CA HIS B 180 -23.11 23.86 -10.46
C HIS B 180 -22.22 25.02 -9.91
N GLY B 181 -21.44 25.67 -10.77
CA GLY B 181 -20.59 26.81 -10.39
C GLY B 181 -21.40 28.09 -10.39
N ASP B 182 -22.36 28.16 -9.46
CA ASP B 182 -23.31 29.27 -9.33
C ASP B 182 -22.72 30.65 -9.03
N GLY B 183 -21.73 30.73 -8.13
CA GLY B 183 -21.12 32.01 -7.77
C GLY B 183 -20.41 32.64 -8.95
N VAL B 184 -19.70 31.82 -9.75
CA VAL B 184 -19.01 32.35 -10.93
C VAL B 184 -20.04 32.74 -12.00
N GLU B 185 -21.02 31.87 -12.25
CA GLU B 185 -22.07 32.16 -13.23
C GLU B 185 -22.79 33.48 -12.91
N GLU B 186 -23.20 33.67 -11.66
CA GLU B 186 -23.91 34.87 -11.22
C GLU B 186 -23.07 36.14 -11.37
N ALA B 187 -21.78 36.07 -11.03
CA ALA B 187 -20.89 37.23 -11.13
C ALA B 187 -20.81 37.79 -12.54
N PHE B 188 -20.81 36.92 -13.56
CA PHE B 188 -20.68 37.33 -14.96
C PHE B 188 -21.94 37.10 -15.82
N TYR B 189 -23.10 36.89 -15.16
CA TYR B 189 -24.34 36.57 -15.87
C TYR B 189 -24.77 37.57 -16.93
N THR B 190 -24.46 38.85 -16.75
CA THR B 190 -24.88 39.89 -17.71
C THR B 190 -23.76 40.43 -18.61
N THR B 191 -22.63 39.72 -18.69
CA THR B 191 -21.54 40.14 -19.57
C THR B 191 -21.19 39.09 -20.58
N ASP B 192 -20.74 39.56 -21.74
CA ASP B 192 -20.26 38.71 -22.82
C ASP B 192 -18.73 38.54 -22.76
N ARG B 193 -18.05 39.18 -21.78
CA ARG B 193 -16.60 39.07 -21.65
C ARG B 193 -16.13 37.80 -20.93
N VAL B 194 -17.08 37.05 -20.38
CA VAL B 194 -16.80 35.79 -19.75
C VAL B 194 -17.90 34.83 -20.22
N MET B 195 -17.52 33.65 -20.68
CA MET B 195 -18.48 32.60 -21.00
C MET B 195 -18.28 31.58 -19.88
N THR B 196 -19.34 31.16 -19.18
CA THR B 196 -19.22 30.17 -18.12
C THR B 196 -19.89 28.90 -18.62
N VAL B 197 -19.19 27.75 -18.50
CA VAL B 197 -19.66 26.45 -18.96
C VAL B 197 -19.58 25.49 -17.78
N SER B 198 -20.72 24.96 -17.32
CA SER B 198 -20.74 24.05 -16.18
C SER B 198 -21.40 22.73 -16.52
N PHE B 199 -20.76 21.62 -16.12
CA PHE B 199 -21.30 20.26 -16.28
C PHE B 199 -21.53 19.82 -14.86
N HIS B 200 -22.76 19.48 -14.49
CA HIS B 200 -23.04 19.18 -13.07
C HIS B 200 -24.27 18.33 -12.86
N LYS B 201 -24.41 17.76 -11.67
CA LYS B 201 -25.60 16.99 -11.36
CA LYS B 201 -25.60 16.98 -11.35
C LYS B 201 -26.71 18.02 -11.09
N TYR B 202 -27.89 17.80 -11.65
CA TYR B 202 -29.01 18.73 -11.49
C TYR B 202 -30.26 17.95 -11.11
N GLY B 203 -30.96 18.42 -10.08
CA GLY B 203 -32.18 17.77 -9.58
C GLY B 203 -32.02 17.29 -8.15
N GLU B 204 -32.68 17.96 -7.19
CA GLU B 204 -32.58 17.63 -5.74
C GLU B 204 -31.13 17.57 -5.30
N TYR B 205 -30.36 18.63 -5.67
CA TYR B 205 -28.94 18.63 -5.37
C TYR B 205 -28.44 20.06 -5.29
N PHE B 206 -27.57 20.33 -4.34
CA PHE B 206 -27.03 21.68 -4.13
C PHE B 206 -26.28 22.16 -5.37
N PRO B 207 -26.37 23.45 -5.72
CA PRO B 207 -27.13 24.52 -5.05
C PRO B 207 -28.54 24.72 -5.62
N GLY B 208 -29.03 23.80 -6.46
CA GLY B 208 -30.36 23.90 -7.05
C GLY B 208 -30.44 24.78 -8.29
N THR B 209 -29.30 25.28 -8.77
CA THR B 209 -29.25 26.15 -9.95
C THR B 209 -28.54 25.43 -11.14
N GLY B 210 -28.42 26.11 -12.27
CA GLY B 210 -27.75 25.52 -13.43
C GLY B 210 -28.68 24.72 -14.29
N ASP B 211 -29.91 25.23 -14.46
CA ASP B 211 -30.87 24.58 -15.36
C ASP B 211 -30.35 24.81 -16.80
N LEU B 212 -30.72 23.89 -17.71
CA LEU B 212 -30.39 23.97 -19.14
C LEU B 212 -30.87 25.34 -19.72
N ARG B 213 -31.98 25.86 -19.20
CA ARG B 213 -32.57 27.12 -19.65
C ARG B 213 -31.93 28.37 -19.05
N ASP B 214 -30.91 28.21 -18.18
CA ASP B 214 -30.22 29.38 -17.61
C ASP B 214 -29.09 29.65 -18.59
N ILE B 215 -29.31 30.60 -19.51
CA ILE B 215 -28.34 30.89 -20.56
C ILE B 215 -27.73 32.29 -20.51
N GLY B 216 -28.01 33.06 -19.46
CA GLY B 216 -27.46 34.42 -19.35
C GLY B 216 -28.56 35.46 -19.51
N ALA B 217 -28.24 36.74 -19.24
CA ALA B 217 -29.22 37.83 -19.40
C ALA B 217 -28.56 39.10 -19.96
N GLY B 218 -29.34 39.94 -20.65
CA GLY B 218 -28.83 41.17 -21.23
C GLY B 218 -27.72 40.93 -22.23
N LYS B 219 -26.60 41.67 -22.10
CA LYS B 219 -25.47 41.44 -23.01
C LYS B 219 -24.87 40.00 -22.82
N GLY B 220 -25.11 39.39 -21.66
CA GLY B 220 -24.66 38.04 -21.35
C GLY B 220 -25.54 36.93 -21.90
N LYS B 221 -26.66 37.26 -22.59
CA LYS B 221 -27.53 36.20 -23.15
C LYS B 221 -26.74 35.31 -24.13
N TYR B 222 -26.75 34.00 -23.87
CA TYR B 222 -26.04 32.94 -24.58
C TYR B 222 -24.58 32.75 -24.10
N TYR B 223 -24.13 33.54 -23.12
CA TYR B 223 -22.75 33.39 -22.61
C TYR B 223 -22.67 32.57 -21.31
N ALA B 224 -23.75 31.87 -20.94
CA ALA B 224 -23.81 30.97 -19.78
C ALA B 224 -24.34 29.64 -20.35
N VAL B 225 -23.59 28.55 -20.12
CA VAL B 225 -23.92 27.25 -20.66
C VAL B 225 -23.97 26.28 -19.50
N ASN B 226 -25.07 25.53 -19.38
CA ASN B 226 -25.26 24.57 -18.33
C ASN B 226 -25.64 23.22 -18.88
N PHE B 227 -24.88 22.16 -18.52
CA PHE B 227 -25.18 20.80 -18.95
C PHE B 227 -25.62 20.03 -17.68
N PRO B 228 -26.96 19.93 -17.48
CA PRO B 228 -27.46 19.22 -16.31
C PRO B 228 -27.43 17.70 -16.53
N MET B 229 -26.91 16.98 -15.54
N MET B 229 -26.88 16.99 -15.52
CA MET B 229 -26.81 15.54 -15.61
CA MET B 229 -26.67 15.54 -15.52
C MET B 229 -27.48 14.84 -14.44
C MET B 229 -27.34 14.81 -14.37
N ARG B 230 -27.63 13.52 -14.57
CA ARG B 230 -28.21 12.68 -13.56
C ARG B 230 -27.05 11.80 -12.99
N ASP B 231 -27.35 11.03 -11.95
CA ASP B 231 -26.37 10.14 -11.31
C ASP B 231 -25.78 9.15 -12.28
N GLY B 232 -24.56 8.74 -11.98
CA GLY B 232 -23.94 7.65 -12.69
C GLY B 232 -23.25 7.87 -14.00
N ILE B 233 -23.05 9.14 -14.41
N ILE B 233 -23.06 9.14 -14.42
CA ILE B 233 -22.33 9.41 -15.66
CA ILE B 233 -22.34 9.40 -15.67
C ILE B 233 -20.93 8.77 -15.62
C ILE B 233 -20.93 8.77 -15.62
N ASP B 234 -20.52 8.13 -16.71
CA ASP B 234 -19.22 7.44 -16.76
C ASP B 234 -18.24 8.11 -17.72
N ASP B 235 -16.99 7.61 -17.80
CA ASP B 235 -15.95 8.19 -18.65
C ASP B 235 -16.37 8.35 -20.12
N GLU B 236 -16.92 7.30 -20.69
CA GLU B 236 -17.29 7.29 -22.09
C GLU B 236 -18.37 8.33 -22.37
N SER B 237 -19.46 8.32 -21.59
CA SER B 237 -20.55 9.27 -21.77
CA SER B 237 -20.55 9.27 -21.81
C SER B 237 -20.14 10.72 -21.54
N TYR B 238 -19.36 10.96 -20.49
CA TYR B 238 -18.90 12.32 -20.18
C TYR B 238 -17.99 12.82 -21.30
N GLY B 239 -17.06 11.99 -21.74
CA GLY B 239 -16.10 12.36 -22.77
C GLY B 239 -16.74 12.69 -24.09
N GLN B 240 -17.81 11.93 -24.43
CA GLN B 240 -18.58 12.09 -25.67
C GLN B 240 -19.32 13.42 -25.73
N ILE B 241 -19.61 14.06 -24.59
CA ILE B 241 -20.25 15.38 -24.64
C ILE B 241 -19.28 16.51 -24.34
N PHE B 242 -18.24 16.25 -23.51
CA PHE B 242 -17.30 17.32 -23.17
C PHE B 242 -16.55 17.82 -24.37
N LYS B 243 -15.89 16.93 -25.13
CA LYS B 243 -15.09 17.38 -26.27
C LYS B 243 -15.91 18.15 -27.32
N PRO B 244 -17.05 17.63 -27.82
CA PRO B 244 -17.82 18.42 -28.81
C PRO B 244 -18.34 19.75 -28.27
N ILE B 245 -18.81 19.80 -27.01
CA ILE B 245 -19.29 21.09 -26.47
C ILE B 245 -18.15 22.12 -26.34
N ILE B 246 -17.02 21.70 -25.73
CA ILE B 246 -15.89 22.61 -25.58
C ILE B 246 -15.34 23.05 -26.97
N SER B 247 -15.28 22.14 -27.96
CA SER B 247 -14.79 22.52 -29.30
C SER B 247 -15.71 23.57 -29.93
N LYS B 248 -17.03 23.40 -29.79
CA LYS B 248 -18.00 24.35 -30.35
C LYS B 248 -17.89 25.68 -29.64
N VAL B 249 -17.75 25.67 -28.30
CA VAL B 249 -17.56 26.88 -27.52
C VAL B 249 -16.30 27.60 -27.99
N MET B 250 -15.19 26.88 -28.16
CA MET B 250 -13.92 27.48 -28.61
C MET B 250 -14.09 28.12 -30.00
N GLU B 251 -14.77 27.42 -30.91
CA GLU B 251 -15.00 27.91 -32.27
C GLU B 251 -15.85 29.18 -32.28
N MET B 252 -16.95 29.19 -31.55
CA MET B 252 -17.85 30.34 -31.53
C MET B 252 -17.39 31.52 -30.68
N TYR B 253 -16.85 31.23 -29.49
CA TYR B 253 -16.46 32.28 -28.56
C TYR B 253 -15.05 32.82 -28.76
N GLN B 254 -14.10 31.99 -29.20
CA GLN B 254 -12.70 32.40 -29.42
C GLN B 254 -12.10 33.11 -28.20
N PRO B 255 -12.09 32.44 -27.03
CA PRO B 255 -11.52 33.09 -25.84
C PRO B 255 -10.00 33.23 -25.95
N SER B 256 -9.39 34.17 -25.21
CA SER B 256 -7.92 34.28 -25.23
C SER B 256 -7.28 33.72 -23.96
N ALA B 257 -8.09 33.27 -22.98
CA ALA B 257 -7.59 32.67 -21.74
C ALA B 257 -8.70 31.73 -21.24
N VAL B 258 -8.30 30.70 -20.50
CA VAL B 258 -9.25 29.72 -19.99
C VAL B 258 -9.00 29.47 -18.52
N VAL B 259 -10.08 29.35 -17.72
CA VAL B 259 -9.97 28.98 -16.31
C VAL B 259 -10.75 27.64 -16.20
N LEU B 260 -10.10 26.60 -15.68
CA LEU B 260 -10.74 25.29 -15.57
C LEU B 260 -10.81 24.89 -14.09
N GLN B 261 -12.03 24.74 -13.57
CA GLN B 261 -12.22 24.33 -12.18
C GLN B 261 -12.31 22.80 -12.24
N CYS B 262 -11.38 22.11 -11.55
CA CYS B 262 -11.23 20.66 -11.57
C CYS B 262 -11.76 19.95 -10.33
N GLY B 263 -12.92 20.37 -9.79
CA GLY B 263 -13.49 19.73 -8.60
C GLY B 263 -13.55 18.22 -8.80
N ALA B 264 -12.90 17.46 -7.88
CA ALA B 264 -12.78 16.01 -7.95
C ALA B 264 -13.97 15.26 -7.34
N ASP B 265 -15.04 15.97 -6.97
CA ASP B 265 -16.23 15.31 -6.45
C ASP B 265 -17.10 14.67 -7.56
N SER B 266 -16.69 14.81 -8.86
CA SER B 266 -17.35 14.15 -9.98
C SER B 266 -16.72 12.71 -10.19
N LEU B 267 -15.80 12.27 -9.30
CA LEU B 267 -15.19 10.95 -9.41
C LEU B 267 -16.07 9.92 -8.75
N SER B 268 -15.97 8.69 -9.23
CA SER B 268 -16.66 7.54 -8.65
C SER B 268 -16.22 7.39 -7.19
N GLY B 269 -17.17 7.10 -6.31
CA GLY B 269 -16.92 6.87 -4.90
C GLY B 269 -16.76 8.09 -4.02
N ASP B 270 -17.09 9.28 -4.56
CA ASP B 270 -16.98 10.49 -3.78
C ASP B 270 -18.01 10.47 -2.66
N ARG B 271 -17.64 10.91 -1.47
CA ARG B 271 -18.53 10.95 -0.32
C ARG B 271 -19.81 11.76 -0.55
N LEU B 272 -19.73 12.85 -1.30
N LEU B 272 -19.71 12.88 -1.29
CA LEU B 272 -20.92 13.66 -1.56
CA LEU B 272 -20.84 13.77 -1.58
C LEU B 272 -21.50 13.44 -2.97
C LEU B 272 -21.42 13.65 -2.98
N GLY B 273 -20.63 13.14 -3.92
CA GLY B 273 -21.02 12.97 -5.31
C GLY B 273 -21.64 11.65 -5.69
N CYS B 274 -22.36 11.66 -6.79
CA CYS B 274 -23.05 10.51 -7.31
C CYS B 274 -22.69 10.22 -8.79
N PHE B 275 -21.50 10.64 -9.24
CA PHE B 275 -21.03 10.37 -10.60
C PHE B 275 -20.11 9.13 -10.58
N ASN B 276 -19.75 8.62 -11.75
CA ASN B 276 -18.94 7.42 -11.88
C ASN B 276 -17.71 7.60 -12.79
N LEU B 277 -17.03 8.78 -12.73
CA LEU B 277 -15.83 8.98 -13.55
C LEU B 277 -14.60 8.39 -12.87
N THR B 278 -13.60 7.97 -13.66
CA THR B 278 -12.33 7.52 -13.08
C THR B 278 -11.40 8.78 -13.14
N VAL B 279 -10.17 8.66 -12.61
CA VAL B 279 -9.18 9.73 -12.70
C VAL B 279 -8.83 9.97 -14.18
N LYS B 280 -8.74 8.90 -14.99
CA LYS B 280 -8.50 9.09 -16.44
C LYS B 280 -9.61 9.87 -17.14
N GLY B 281 -10.87 9.56 -16.81
CA GLY B 281 -12.02 10.24 -17.43
C GLY B 281 -12.13 11.70 -17.02
N HIS B 282 -11.76 12.01 -15.78
CA HIS B 282 -11.79 13.37 -15.28
C HIS B 282 -10.61 14.15 -15.95
N ALA B 283 -9.40 13.56 -15.97
CA ALA B 283 -8.21 14.21 -16.58
C ALA B 283 -8.33 14.38 -18.09
N LYS B 284 -9.20 13.59 -18.76
CA LYS B 284 -9.43 13.75 -20.20
C LYS B 284 -9.90 15.20 -20.48
N CYS B 285 -10.61 15.84 -19.52
CA CYS B 285 -11.06 17.21 -19.67
C CYS B 285 -9.89 18.15 -19.75
N VAL B 286 -8.86 17.94 -18.90
CA VAL B 286 -7.65 18.76 -18.91
C VAL B 286 -6.96 18.59 -20.26
N GLU B 287 -6.82 17.35 -20.71
CA GLU B 287 -6.21 17.04 -22.00
CA GLU B 287 -6.19 17.04 -22.00
C GLU B 287 -6.89 17.79 -23.14
N VAL B 288 -8.24 17.72 -23.22
CA VAL B 288 -9.01 18.40 -24.26
C VAL B 288 -8.79 19.89 -24.24
N VAL B 289 -8.89 20.51 -23.04
CA VAL B 289 -8.68 21.94 -22.93
C VAL B 289 -7.29 22.36 -23.38
N LYS B 290 -6.28 21.56 -23.03
CA LYS B 290 -4.89 21.86 -23.43
C LYS B 290 -4.65 21.86 -24.95
N THR B 291 -5.40 21.07 -25.71
CA THR B 291 -5.22 21.04 -27.18
C THR B 291 -5.45 22.39 -27.83
N PHE B 292 -6.19 23.31 -27.18
CA PHE B 292 -6.45 24.63 -27.77
C PHE B 292 -5.30 25.63 -27.61
N ASN B 293 -4.24 25.25 -26.85
CA ASN B 293 -3.01 26.01 -26.62
C ASN B 293 -3.26 27.44 -26.20
N LEU B 294 -4.13 27.62 -25.22
CA LEU B 294 -4.43 28.94 -24.69
C LEU B 294 -3.90 29.04 -23.26
N PRO B 295 -3.60 30.27 -22.76
CA PRO B 295 -3.19 30.42 -21.35
C PRO B 295 -4.27 29.78 -20.47
N LEU B 296 -3.84 28.93 -19.55
CA LEU B 296 -4.78 28.18 -18.75
C LEU B 296 -4.50 28.22 -17.25
N LEU B 297 -5.53 28.53 -16.47
CA LEU B 297 -5.43 28.53 -15.02
C LEU B 297 -6.26 27.30 -14.53
N MET B 298 -5.63 26.34 -13.89
CA MET B 298 -6.31 25.14 -13.41
C MET B 298 -6.46 25.25 -11.90
N LEU B 299 -7.71 25.10 -11.44
CA LEU B 299 -8.00 25.24 -10.02
C LEU B 299 -8.62 23.98 -9.42
N GLY B 300 -8.62 23.89 -8.09
CA GLY B 300 -9.25 22.76 -7.39
C GLY B 300 -10.75 22.99 -7.27
N GLY B 301 -11.31 22.58 -6.16
CA GLY B 301 -12.74 22.72 -5.90
C GLY B 301 -13.14 21.63 -4.95
N GLY B 302 -14.25 20.97 -5.24
CA GLY B 302 -14.75 19.86 -4.43
C GLY B 302 -13.90 18.60 -4.50
N GLY B 303 -14.28 17.59 -3.75
CA GLY B 303 -13.55 16.32 -3.69
C GLY B 303 -13.52 15.96 -2.23
N TYR B 304 -14.28 14.91 -1.87
CA TYR B 304 -14.53 14.55 -0.48
C TYR B 304 -14.12 13.15 -0.04
N THR B 305 -13.53 12.34 -0.95
CA THR B 305 -12.92 11.02 -0.63
C THR B 305 -11.47 11.42 -0.89
N ILE B 306 -10.80 11.92 0.15
CA ILE B 306 -9.50 12.57 -0.02
C ILE B 306 -8.39 11.74 -0.67
N ARG B 307 -8.35 10.40 -0.51
CA ARG B 307 -7.31 9.64 -1.24
C ARG B 307 -7.52 9.77 -2.77
N ASN B 308 -8.81 9.85 -3.22
CA ASN B 308 -9.08 9.98 -4.64
C ASN B 308 -8.83 11.39 -5.17
N VAL B 309 -9.00 12.41 -4.31
CA VAL B 309 -8.71 13.80 -4.71
C VAL B 309 -7.20 13.91 -4.96
N ALA B 310 -6.39 13.34 -4.06
CA ALA B 310 -4.93 13.37 -4.20
C ALA B 310 -4.51 12.66 -5.49
N ARG B 311 -5.11 11.52 -5.80
CA ARG B 311 -4.78 10.80 -7.04
C ARG B 311 -5.11 11.68 -8.27
N CYS B 312 -6.32 12.24 -8.26
CA CYS B 312 -6.84 13.03 -9.36
C CYS B 312 -6.00 14.26 -9.66
N TRP B 313 -5.69 15.06 -8.65
CA TRP B 313 -4.95 16.28 -8.87
C TRP B 313 -3.47 16.02 -9.13
N THR B 314 -2.94 14.90 -8.62
CA THR B 314 -1.56 14.49 -8.95
C THR B 314 -1.52 14.13 -10.44
N TYR B 315 -2.48 13.32 -10.90
CA TYR B 315 -2.51 12.93 -12.30
C TYR B 315 -2.73 14.14 -13.24
N GLU B 316 -3.61 15.06 -12.84
CA GLU B 316 -3.87 16.27 -13.63
C GLU B 316 -2.66 17.21 -13.70
N THR B 317 -1.83 17.23 -12.64
CA THR B 317 -0.62 18.03 -12.66
C THR B 317 0.35 17.37 -13.68
N ALA B 318 0.45 16.03 -13.68
CA ALA B 318 1.28 15.26 -14.65
C ALA B 318 0.76 15.56 -16.07
N VAL B 319 -0.58 15.58 -16.27
CA VAL B 319 -1.16 15.92 -17.59
C VAL B 319 -0.72 17.32 -18.01
N ALA B 320 -0.81 18.29 -17.10
CA ALA B 320 -0.39 19.66 -17.38
C ALA B 320 1.09 19.73 -17.81
N LEU B 321 1.94 18.91 -17.20
CA LEU B 321 3.38 18.85 -17.47
C LEU B 321 3.72 17.97 -18.69
N ASP B 322 2.72 17.28 -19.29
CA ASP B 322 2.92 16.36 -20.42
C ASP B 322 3.88 15.24 -19.97
N CYS B 323 3.67 14.73 -18.76
CA CYS B 323 4.50 13.69 -18.16
CA CYS B 323 4.52 13.69 -18.21
C CYS B 323 3.64 12.49 -17.83
N GLU B 324 4.09 11.28 -18.17
CA GLU B 324 3.31 10.13 -17.78
C GLU B 324 3.94 9.65 -16.47
N ILE B 325 3.11 9.16 -15.58
CA ILE B 325 3.59 8.66 -14.29
C ILE B 325 3.03 7.26 -14.12
N PRO B 326 3.78 6.38 -13.44
CA PRO B 326 3.31 5.01 -13.27
C PRO B 326 2.09 4.87 -12.37
N ASN B 327 1.32 3.80 -12.58
CA ASN B 327 0.17 3.48 -11.76
C ASN B 327 0.61 3.08 -10.34
N GLU B 328 1.81 2.52 -10.18
CA GLU B 328 2.34 2.14 -8.88
C GLU B 328 2.65 3.41 -8.07
N LEU B 329 1.94 3.64 -6.93
CA LEU B 329 2.21 4.84 -6.15
C LEU B 329 3.59 4.79 -5.52
N PRO B 330 4.33 5.90 -5.53
CA PRO B 330 5.61 5.90 -4.84
C PRO B 330 5.31 5.99 -3.34
N TYR B 331 6.30 5.59 -2.52
CA TYR B 331 6.15 5.75 -1.06
C TYR B 331 6.01 7.25 -0.75
N ASN B 332 5.17 7.60 0.22
CA ASN B 332 4.93 9.00 0.56
C ASN B 332 4.43 9.11 2.01
N ASP B 333 4.36 10.35 2.53
CA ASP B 333 3.94 10.60 3.91
C ASP B 333 2.58 10.03 4.28
N TYR B 334 1.72 9.80 3.28
CA TYR B 334 0.36 9.32 3.52
C TYR B 334 0.10 8.00 2.82
N PHE B 335 1.14 7.17 2.65
CA PHE B 335 1.02 5.94 1.88
C PHE B 335 -0.15 5.04 2.31
N GLU B 336 -0.36 4.88 3.63
CA GLU B 336 -1.44 4.04 4.17
C GLU B 336 -2.87 4.51 3.76
N TYR B 337 -3.02 5.80 3.39
CA TYR B 337 -4.35 6.29 2.98
C TYR B 337 -4.75 5.69 1.62
N PHE B 338 -3.79 5.21 0.82
CA PHE B 338 -4.07 4.74 -0.54
C PHE B 338 -4.33 3.23 -0.65
N GLY B 339 -4.50 2.56 0.50
CA GLY B 339 -4.83 1.15 0.47
C GLY B 339 -6.27 0.96 0.00
N PRO B 340 -6.67 -0.28 -0.34
CA PRO B 340 -5.89 -1.54 -0.26
C PRO B 340 -4.92 -1.80 -1.39
N ASP B 341 -5.07 -1.09 -2.51
CA ASP B 341 -4.32 -1.29 -3.75
C ASP B 341 -3.03 -0.50 -3.96
N PHE B 342 -2.94 0.71 -3.41
CA PHE B 342 -1.75 1.58 -3.57
C PHE B 342 -1.45 1.90 -5.03
N LYS B 343 -2.52 2.06 -5.84
CA LYS B 343 -2.42 2.45 -7.25
C LYS B 343 -2.91 3.90 -7.42
N LEU B 344 -2.48 4.55 -8.50
CA LEU B 344 -2.89 5.91 -8.77
C LEU B 344 -4.33 5.93 -9.36
N HIS B 345 -4.60 5.03 -10.31
CA HIS B 345 -5.87 4.98 -11.03
C HIS B 345 -6.96 4.22 -10.31
N ILE B 346 -8.21 4.66 -10.48
CA ILE B 346 -9.34 4.04 -9.81
C ILE B 346 -10.25 3.37 -10.84
N SER B 347 -11.04 2.42 -10.37
CA SER B 347 -11.96 1.73 -11.24
C SER B 347 -13.36 2.31 -11.02
N PRO B 348 -14.19 2.30 -12.05
CA PRO B 348 -15.57 2.76 -11.87
C PRO B 348 -16.36 1.70 -11.08
N SER B 349 -17.48 2.09 -10.50
CA SER B 349 -18.35 1.18 -9.76
C SER B 349 -19.39 0.58 -10.73
N ASN B 350 -20.29 -0.29 -10.22
CA ASN B 350 -21.34 -0.86 -11.05
C ASN B 350 -22.63 0.01 -11.00
N MET B 351 -22.55 1.27 -10.55
CA MET B 351 -23.73 2.12 -10.47
C MET B 351 -24.34 2.35 -11.86
N THR B 352 -25.67 2.36 -11.91
CA THR B 352 -26.37 2.58 -13.18
C THR B 352 -26.12 4.00 -13.66
N ASN B 353 -25.86 4.16 -14.95
CA ASN B 353 -25.72 5.48 -15.54
C ASN B 353 -27.14 5.93 -15.92
N GLN B 354 -27.73 6.87 -15.16
CA GLN B 354 -29.08 7.35 -15.47
C GLN B 354 -29.16 8.29 -16.67
N ASN B 355 -28.01 8.71 -17.22
CA ASN B 355 -27.96 9.55 -18.40
C ASN B 355 -28.00 8.66 -19.61
N THR B 356 -29.20 8.44 -20.16
CA THR B 356 -29.34 7.61 -21.34
C THR B 356 -28.64 8.28 -22.53
N PRO B 357 -28.27 7.50 -23.56
CA PRO B 357 -27.65 8.11 -24.74
C PRO B 357 -28.53 9.16 -25.41
N GLU B 358 -29.85 8.94 -25.42
CA GLU B 358 -30.80 9.88 -26.02
C GLU B 358 -30.89 11.15 -25.19
N TYR B 359 -30.85 11.04 -23.86
CA TYR B 359 -30.88 12.20 -22.95
C TYR B 359 -29.63 13.06 -23.26
N MET B 360 -28.46 12.43 -23.33
CA MET B 360 -27.20 13.15 -23.59
C MET B 360 -27.19 13.86 -24.93
N GLU B 361 -27.68 13.18 -25.98
CA GLU B 361 -27.73 13.79 -27.31
C GLU B 361 -28.76 14.90 -27.40
N LYS B 362 -29.91 14.74 -26.70
CA LYS B 362 -30.94 15.77 -26.74
C LYS B 362 -30.46 17.06 -26.07
N ILE B 363 -29.83 16.94 -24.89
CA ILE B 363 -29.27 18.09 -24.19
C ILE B 363 -28.15 18.72 -25.04
N LYS B 364 -27.25 17.90 -25.59
CA LYS B 364 -26.17 18.41 -26.46
C LYS B 364 -26.73 19.21 -27.66
N GLN B 365 -27.81 18.72 -28.29
CA GLN B 365 -28.41 19.41 -29.43
C GLN B 365 -28.99 20.75 -29.00
N ARG B 366 -29.67 20.80 -27.85
CA ARG B 366 -30.23 22.05 -27.34
C ARG B 366 -29.11 23.07 -27.05
N LEU B 367 -27.98 22.61 -26.46
CA LEU B 367 -26.86 23.52 -26.19
C LEU B 367 -26.24 23.99 -27.51
N PHE B 368 -26.16 23.10 -28.52
CA PHE B 368 -25.60 23.48 -29.81
C PHE B 368 -26.45 24.59 -30.46
N GLU B 369 -27.78 24.57 -30.24
CA GLU B 369 -28.72 25.58 -30.75
C GLU B 369 -28.45 26.93 -30.09
N ASN B 370 -28.19 26.92 -28.78
CA ASN B 370 -27.87 28.15 -28.06
C ASN B 370 -26.53 28.68 -28.51
N LEU B 371 -25.54 27.78 -28.73
CA LEU B 371 -24.20 28.21 -29.15
C LEU B 371 -24.21 28.82 -30.55
N ARG B 372 -25.10 28.35 -31.42
CA ARG B 372 -25.20 28.93 -32.76
C ARG B 372 -25.77 30.35 -32.74
N MET B 373 -26.43 30.77 -31.65
CA MET B 373 -26.98 32.11 -31.51
C MET B 373 -25.89 33.15 -31.12
N LEU B 374 -24.63 32.74 -30.92
CA LEU B 374 -23.55 33.66 -30.56
C LEU B 374 -23.09 34.47 -31.77
N PRO B 375 -22.86 35.78 -31.58
CA PRO B 375 -22.39 36.62 -32.70
C PRO B 375 -20.99 36.25 -33.16
N LYS C 9 -29.79 -25.64 -20.24
CA LYS C 9 -30.41 -24.54 -19.51
C LYS C 9 -29.35 -23.49 -19.08
N LYS C 10 -28.25 -23.95 -18.44
CA LYS C 10 -27.20 -23.04 -18.02
C LYS C 10 -26.31 -22.73 -19.22
N LYS C 11 -26.09 -21.44 -19.48
CA LYS C 11 -25.29 -20.98 -20.61
C LYS C 11 -23.79 -21.06 -20.30
N VAL C 12 -22.99 -21.53 -21.28
CA VAL C 12 -21.54 -21.65 -21.11
C VAL C 12 -20.80 -20.90 -22.20
N CYS C 13 -19.94 -19.96 -21.81
CA CYS C 13 -19.10 -19.18 -22.73
C CYS C 13 -17.68 -19.76 -22.63
N TYR C 14 -17.01 -19.90 -23.76
CA TYR C 14 -15.69 -20.52 -23.80
C TYR C 14 -14.71 -19.60 -24.51
N TYR C 15 -13.52 -19.40 -23.94
CA TYR C 15 -12.51 -18.50 -24.49
C TYR C 15 -11.33 -19.26 -25.01
N TYR C 16 -10.98 -19.00 -26.26
CA TYR C 16 -9.87 -19.69 -26.90
C TYR C 16 -9.35 -18.87 -28.05
N ASP C 17 -8.02 -18.80 -28.16
CA ASP C 17 -7.36 -18.11 -29.25
C ASP C 17 -6.50 -19.18 -29.92
N GLY C 18 -6.67 -19.37 -31.23
CA GLY C 18 -5.98 -20.36 -32.02
C GLY C 18 -4.47 -20.35 -32.03
N ASP C 19 -3.84 -19.26 -31.57
CA ASP C 19 -2.38 -19.18 -31.53
C ASP C 19 -1.79 -19.61 -30.18
N ILE C 20 -2.63 -19.79 -29.13
CA ILE C 20 -2.14 -20.15 -27.79
C ILE C 20 -1.27 -21.40 -27.77
N GLY C 21 -1.62 -22.42 -28.57
CA GLY C 21 -0.86 -23.66 -28.60
C GLY C 21 0.51 -23.54 -29.24
N ASN C 22 0.80 -22.41 -29.93
CA ASN C 22 2.10 -22.24 -30.57
C ASN C 22 3.17 -21.67 -29.63
N TYR C 23 2.79 -21.11 -28.45
CA TYR C 23 3.80 -20.57 -27.53
C TYR C 23 4.63 -21.72 -26.95
N TYR C 24 5.94 -21.53 -26.87
CA TYR C 24 6.84 -22.59 -26.44
C TYR C 24 7.78 -22.18 -25.34
N TYR C 25 7.66 -22.80 -24.15
CA TYR C 25 8.53 -22.46 -23.03
C TYR C 25 9.99 -22.86 -23.22
N GLY C 26 10.29 -23.72 -24.19
CA GLY C 26 11.65 -24.19 -24.43
C GLY C 26 11.76 -25.69 -24.23
N GLN C 27 12.78 -26.32 -24.86
CA GLN C 27 12.97 -27.76 -24.74
C GLN C 27 13.16 -28.23 -23.30
N GLY C 28 12.44 -29.29 -22.94
CA GLY C 28 12.52 -29.86 -21.61
C GLY C 28 11.58 -29.22 -20.60
N HIS C 29 11.15 -27.97 -20.84
CA HIS C 29 10.25 -27.30 -19.90
C HIS C 29 8.93 -28.02 -19.81
N PRO C 30 8.50 -28.38 -18.59
CA PRO C 30 7.24 -29.11 -18.45
C PRO C 30 5.97 -28.37 -18.89
N MET C 31 5.96 -27.01 -18.85
CA MET C 31 4.76 -26.26 -19.24
C MET C 31 4.61 -26.24 -20.75
N LYS C 32 3.52 -26.85 -21.26
CA LYS C 32 3.30 -26.96 -22.69
C LYS C 32 1.99 -26.38 -23.16
N PRO C 33 1.99 -25.13 -23.63
CA PRO C 33 0.73 -24.52 -24.10
C PRO C 33 -0.02 -25.32 -25.19
N HIS C 34 0.66 -26.24 -25.88
CA HIS C 34 0.03 -27.12 -26.88
C HIS C 34 -1.12 -27.95 -26.25
N ARG C 35 -1.05 -28.23 -24.92
CA ARG C 35 -2.11 -28.97 -24.23
C ARG C 35 -3.49 -28.28 -24.35
N ILE C 36 -3.50 -26.94 -24.54
N ILE C 36 -3.50 -26.94 -24.52
CA ILE C 36 -4.73 -26.16 -24.68
CA ILE C 36 -4.75 -26.17 -24.66
C ILE C 36 -5.36 -26.44 -26.04
C ILE C 36 -5.37 -26.43 -26.04
N ARG C 37 -4.53 -26.49 -27.09
CA ARG C 37 -5.00 -26.77 -28.43
C ARG C 37 -5.51 -28.23 -28.50
N MET C 38 -4.80 -29.18 -27.84
CA MET C 38 -5.24 -30.59 -27.79
C MET C 38 -6.60 -30.69 -27.12
N THR C 39 -6.78 -29.93 -26.01
CA THR C 39 -8.07 -29.93 -25.32
C THR C 39 -9.18 -29.42 -26.25
N HIS C 40 -8.92 -28.29 -26.93
CA HIS C 40 -9.87 -27.66 -27.84
C HIS C 40 -10.28 -28.57 -29.00
N ASN C 41 -9.31 -29.22 -29.63
CA ASN C 41 -9.60 -30.11 -30.75
C ASN C 41 -10.44 -31.31 -30.27
N LEU C 42 -10.11 -31.84 -29.09
CA LEU C 42 -10.85 -32.97 -28.53
C LEU C 42 -12.32 -32.57 -28.23
N LEU C 43 -12.54 -31.43 -27.54
CA LEU C 43 -13.92 -30.99 -27.24
C LEU C 43 -14.69 -30.60 -28.51
N LEU C 44 -13.98 -30.13 -29.55
CA LEU C 44 -14.59 -29.77 -30.84
C LEU C 44 -15.10 -31.07 -31.50
N ASN C 45 -14.29 -32.13 -31.46
CA ASN C 45 -14.64 -33.43 -32.06
C ASN C 45 -15.69 -34.21 -31.26
N TYR C 46 -15.89 -33.87 -29.98
CA TYR C 46 -16.93 -34.52 -29.18
C TYR C 46 -18.33 -33.88 -29.43
N GLY C 47 -18.36 -32.73 -30.13
CA GLY C 47 -19.58 -32.00 -30.43
C GLY C 47 -19.91 -30.94 -29.39
N LEU C 48 -19.01 -30.72 -28.41
CA LEU C 48 -19.20 -29.75 -27.33
C LEU C 48 -19.01 -28.30 -27.73
N TYR C 49 -18.10 -28.03 -28.71
CA TYR C 49 -17.80 -26.69 -29.22
C TYR C 49 -19.08 -26.02 -29.72
N ARG C 50 -19.89 -26.78 -30.46
CA ARG C 50 -21.15 -26.33 -31.04
C ARG C 50 -22.15 -25.87 -29.96
N LYS C 51 -22.18 -26.55 -28.81
CA LYS C 51 -23.10 -26.24 -27.71
C LYS C 51 -22.69 -25.02 -26.86
N MET C 52 -21.50 -24.46 -27.08
CA MET C 52 -21.01 -23.31 -26.32
C MET C 52 -20.88 -22.04 -27.16
N GLU C 53 -20.90 -20.87 -26.50
CA GLU C 53 -20.69 -19.62 -27.19
C GLU C 53 -19.16 -19.47 -27.16
N ILE C 54 -18.52 -19.61 -28.32
CA ILE C 54 -17.07 -19.54 -28.42
C ILE C 54 -16.61 -18.11 -28.72
N TYR C 55 -15.59 -17.65 -28.00
CA TYR C 55 -15.06 -16.30 -28.17
C TYR C 55 -13.56 -16.31 -28.23
N ARG C 56 -13.00 -15.47 -29.10
CA ARG C 56 -11.56 -15.32 -29.22
C ARG C 56 -11.28 -14.14 -28.31
N PRO C 57 -10.54 -14.34 -27.21
CA PRO C 57 -10.31 -13.25 -26.27
C PRO C 57 -9.40 -12.15 -26.80
N HIS C 58 -9.75 -10.91 -26.48
CA HIS C 58 -8.93 -9.78 -26.85
C HIS C 58 -7.71 -9.81 -25.93
N LYS C 59 -6.55 -9.37 -26.42
CA LYS C 59 -5.34 -9.35 -25.63
C LYS C 59 -5.50 -8.33 -24.49
N ALA C 60 -5.14 -8.72 -23.26
CA ALA C 60 -5.21 -7.80 -22.11
C ALA C 60 -4.12 -6.74 -22.32
N THR C 61 -4.44 -5.46 -22.09
CA THR C 61 -3.43 -4.42 -22.27
C THR C 61 -2.49 -4.39 -21.08
N ALA C 62 -1.27 -3.84 -21.25
CA ALA C 62 -0.33 -3.66 -20.15
C ALA C 62 -0.97 -2.80 -19.03
N GLU C 63 -1.83 -1.84 -19.41
CA GLU C 63 -2.53 -0.96 -18.48
C GLU C 63 -3.50 -1.77 -17.61
N GLU C 64 -4.24 -2.70 -18.21
CA GLU C 64 -5.15 -3.59 -17.46
C GLU C 64 -4.32 -4.44 -16.48
N MET C 65 -3.13 -4.91 -16.91
CA MET C 65 -2.28 -5.71 -16.03
C MET C 65 -1.75 -4.93 -14.85
N THR C 66 -1.51 -3.60 -15.01
CA THR C 66 -0.99 -2.81 -13.89
C THR C 66 -2.07 -2.46 -12.85
N LYS C 67 -3.33 -2.95 -13.01
CA LYS C 67 -4.32 -2.79 -11.94
C LYS C 67 -3.82 -3.61 -10.70
N TYR C 68 -2.96 -4.64 -10.94
CA TYR C 68 -2.41 -5.44 -9.88
C TYR C 68 -0.87 -5.43 -9.91
N HIS C 69 -0.30 -5.79 -11.06
CA HIS C 69 1.16 -5.85 -11.16
C HIS C 69 1.84 -4.50 -11.19
N SER C 70 3.10 -4.44 -10.77
CA SER C 70 3.84 -3.17 -10.79
C SER C 70 4.17 -2.76 -12.24
N ASP C 71 4.32 -1.44 -12.47
CA ASP C 71 4.64 -0.95 -13.80
C ASP C 71 5.99 -1.43 -14.27
N GLU C 72 7.02 -1.40 -13.40
CA GLU C 72 8.36 -1.82 -13.78
C GLU C 72 8.35 -3.30 -14.20
N TYR C 73 7.57 -4.13 -13.49
CA TYR C 73 7.50 -5.56 -13.81
C TYR C 73 6.82 -5.78 -15.16
N ILE C 74 5.69 -5.12 -15.42
CA ILE C 74 5.00 -5.27 -16.70
C ILE C 74 5.86 -4.72 -17.84
N LYS C 75 6.56 -3.61 -17.60
CA LYS C 75 7.44 -3.01 -18.63
C LYS C 75 8.54 -3.99 -19.00
N PHE C 76 9.11 -4.66 -17.99
CA PHE C 76 10.13 -5.69 -18.17
C PHE C 76 9.57 -6.83 -19.02
N LEU C 77 8.35 -7.32 -18.71
CA LEU C 77 7.73 -8.40 -19.47
C LEU C 77 7.51 -8.00 -20.92
N ARG C 78 7.15 -6.73 -21.17
CA ARG C 78 6.91 -6.23 -22.55
C ARG C 78 8.23 -6.06 -23.33
N SER C 79 9.33 -5.84 -22.64
CA SER C 79 10.62 -5.55 -23.24
C SER C 79 11.58 -6.70 -23.43
N ILE C 80 11.62 -7.65 -22.49
CA ILE C 80 12.57 -8.75 -22.57
C ILE C 80 12.33 -9.66 -23.78
N ARG C 81 13.43 -10.11 -24.38
CA ARG C 81 13.45 -10.99 -25.55
C ARG C 81 14.61 -11.98 -25.39
N PRO C 82 14.55 -13.16 -26.01
CA PRO C 82 15.68 -14.10 -25.90
C PRO C 82 17.02 -13.50 -26.37
N ASP C 83 17.00 -12.59 -27.36
CA ASP C 83 18.24 -12.00 -27.87
C ASP C 83 18.73 -10.73 -27.15
N ASN C 84 18.02 -10.26 -26.11
CA ASN C 84 18.47 -9.06 -25.40
C ASN C 84 18.64 -9.27 -23.89
N MET C 85 18.53 -10.53 -23.41
CA MET C 85 18.65 -10.86 -21.98
C MET C 85 19.87 -10.32 -21.25
N SER C 86 21.04 -10.22 -21.93
CA SER C 86 22.26 -9.71 -21.27
C SER C 86 22.12 -8.26 -20.80
N GLU C 87 21.26 -7.48 -21.45
CA GLU C 87 21.01 -6.10 -21.03
C GLU C 87 20.08 -6.05 -19.77
N TYR C 88 19.43 -7.17 -19.41
CA TYR C 88 18.48 -7.22 -18.29
C TYR C 88 18.85 -8.22 -17.18
N SER C 89 20.15 -8.52 -16.96
CA SER C 89 20.54 -9.48 -15.92
C SER C 89 20.07 -9.08 -14.51
N LYS C 90 20.14 -7.78 -14.20
CA LYS C 90 19.70 -7.29 -12.89
C LYS C 90 18.18 -7.43 -12.75
N GLN C 91 17.42 -7.04 -13.78
CA GLN C 91 15.96 -7.15 -13.70
C GLN C 91 15.49 -8.60 -13.70
N MET C 92 16.23 -9.51 -14.35
CA MET C 92 15.87 -10.94 -14.33
C MET C 92 15.98 -11.48 -12.89
N GLN C 93 17.00 -11.04 -12.14
CA GLN C 93 17.14 -11.48 -10.74
C GLN C 93 16.02 -10.86 -9.90
N ARG C 94 15.73 -9.58 -10.11
CA ARG C 94 14.68 -8.86 -9.38
C ARG C 94 13.30 -9.47 -9.61
N PHE C 95 13.00 -9.88 -10.85
CA PHE C 95 11.68 -10.39 -11.20
C PHE C 95 11.58 -11.93 -11.27
N ASN C 96 12.62 -12.64 -10.80
CA ASN C 96 12.67 -14.11 -10.80
C ASN C 96 12.45 -14.74 -12.17
N VAL C 97 13.07 -14.15 -13.19
CA VAL C 97 12.98 -14.71 -14.52
C VAL C 97 14.23 -15.56 -14.65
N GLY C 98 14.03 -16.86 -14.86
CA GLY C 98 15.13 -17.80 -14.96
C GLY C 98 14.71 -19.15 -15.47
N GLU C 99 15.06 -20.24 -14.75
CA GLU C 99 14.74 -21.58 -15.22
C GLU C 99 13.25 -21.93 -15.20
N ASP C 100 12.55 -21.69 -14.08
CA ASP C 100 11.12 -21.98 -14.00
C ASP C 100 10.34 -21.06 -14.91
N CYS C 101 10.74 -19.78 -14.97
CA CYS C 101 10.03 -18.80 -15.78
C CYS C 101 10.98 -18.22 -16.81
N PRO C 102 11.20 -18.94 -17.91
CA PRO C 102 12.16 -18.46 -18.91
C PRO C 102 11.66 -17.37 -19.84
N VAL C 103 12.59 -16.78 -20.57
CA VAL C 103 12.27 -15.78 -21.56
C VAL C 103 12.07 -16.56 -22.85
N PHE C 104 10.89 -16.46 -23.46
CA PHE C 104 10.62 -17.14 -24.72
C PHE C 104 9.94 -16.21 -25.72
N ASP C 105 9.96 -16.58 -27.01
CA ASP C 105 9.36 -15.79 -28.07
C ASP C 105 7.86 -15.60 -27.87
N GLY C 106 7.42 -14.35 -27.88
CA GLY C 106 6.01 -14.03 -27.70
C GLY C 106 5.52 -14.13 -26.27
N LEU C 107 6.44 -14.13 -25.29
CA LEU C 107 6.10 -14.21 -23.86
C LEU C 107 4.99 -13.22 -23.46
N PHE C 108 5.15 -11.93 -23.81
CA PHE C 108 4.16 -10.93 -23.47
C PHE C 108 2.81 -11.23 -24.09
N GLU C 109 2.81 -11.64 -25.37
CA GLU C 109 1.57 -11.98 -26.07
C GLU C 109 0.88 -13.17 -25.40
N PHE C 110 1.66 -14.16 -24.94
CA PHE C 110 1.10 -15.31 -24.22
C PHE C 110 0.36 -14.84 -22.96
N CYS C 111 0.97 -13.93 -22.18
CA CYS C 111 0.34 -13.37 -20.97
C CYS C 111 -0.92 -12.61 -21.31
N GLN C 112 -0.89 -11.86 -22.41
CA GLN C 112 -2.02 -11.09 -22.86
C GLN C 112 -3.22 -11.95 -23.22
N LEU C 113 -2.99 -13.08 -23.88
CA LEU C 113 -4.09 -13.96 -24.28
C LEU C 113 -4.62 -14.74 -23.10
N SER C 114 -3.71 -15.23 -22.24
CA SER C 114 -4.07 -15.98 -21.02
C SER C 114 -4.95 -15.09 -20.13
N THR C 115 -4.49 -13.85 -19.85
CA THR C 115 -5.22 -12.89 -19.02
C THR C 115 -6.50 -12.41 -19.67
N GLY C 116 -6.42 -12.10 -20.97
CA GLY C 116 -7.57 -11.61 -21.72
C GLY C 116 -8.79 -12.50 -21.61
N GLY C 117 -8.60 -13.81 -21.71
CA GLY C 117 -9.70 -14.77 -21.57
C GLY C 117 -10.32 -14.77 -20.19
N SER C 118 -9.50 -14.68 -19.13
CA SER C 118 -10.02 -14.69 -17.75
C SER C 118 -10.80 -13.41 -17.44
N VAL C 119 -10.24 -12.25 -17.80
CA VAL C 119 -10.89 -10.96 -17.58
C VAL C 119 -12.20 -10.87 -18.40
N ALA C 120 -12.18 -11.32 -19.67
CA ALA C 120 -13.38 -11.31 -20.52
C ALA C 120 -14.46 -12.21 -19.94
N GLY C 121 -14.08 -13.35 -19.36
CA GLY C 121 -15.03 -14.27 -18.74
C GLY C 121 -15.70 -13.59 -17.54
N ALA C 122 -14.90 -12.90 -16.72
CA ALA C 122 -15.40 -12.18 -15.56
C ALA C 122 -16.36 -11.05 -15.99
N VAL C 123 -16.04 -10.31 -17.08
CA VAL C 123 -16.91 -9.23 -17.58
C VAL C 123 -18.25 -9.85 -18.04
N LYS C 124 -18.18 -11.00 -18.74
CA LYS C 124 -19.38 -11.69 -19.24
C LYS C 124 -20.29 -12.10 -18.06
N LEU C 125 -19.68 -12.58 -16.97
CA LEU C 125 -20.41 -12.99 -15.78
C LEU C 125 -20.98 -11.76 -15.05
N ASN C 126 -20.24 -10.64 -15.01
CA ASN C 126 -20.72 -9.41 -14.36
C ASN C 126 -21.97 -8.87 -15.08
N ARG C 127 -21.95 -8.90 -16.42
CA ARG C 127 -23.07 -8.43 -17.25
C ARG C 127 -24.27 -9.39 -17.26
N GLN C 128 -24.20 -10.52 -16.53
CA GLN C 128 -25.24 -11.55 -16.47
C GLN C 128 -25.57 -12.13 -17.86
N GLN C 129 -24.58 -12.13 -18.76
CA GLN C 129 -24.75 -12.65 -20.10
C GLN C 129 -24.39 -14.14 -20.23
N THR C 130 -23.99 -14.79 -19.11
CA THR C 130 -23.63 -16.21 -19.05
C THR C 130 -23.69 -16.71 -17.61
N ASP C 131 -23.82 -18.03 -17.46
CA ASP C 131 -23.85 -18.65 -16.14
C ASP C 131 -22.43 -19.14 -15.79
N MET C 132 -21.71 -19.67 -16.81
CA MET C 132 -20.36 -20.18 -16.72
C MET C 132 -19.49 -19.60 -17.84
N ALA C 133 -18.22 -19.34 -17.53
CA ALA C 133 -17.23 -18.84 -18.49
C ALA C 133 -16.00 -19.73 -18.32
N VAL C 134 -15.42 -20.22 -19.41
CA VAL C 134 -14.28 -21.13 -19.34
C VAL C 134 -13.05 -20.56 -20.03
N ASN C 135 -11.88 -20.61 -19.37
CA ASN C 135 -10.63 -20.17 -19.97
C ASN C 135 -9.54 -21.17 -19.59
N TRP C 136 -9.36 -22.23 -20.41
CA TRP C 136 -8.34 -23.22 -20.08
C TRP C 136 -6.91 -22.64 -20.20
N ALA C 137 -6.72 -21.49 -20.87
CA ALA C 137 -5.38 -20.87 -20.94
C ALA C 137 -5.02 -20.07 -19.67
N GLY C 138 -5.98 -19.87 -18.77
CA GLY C 138 -5.76 -19.13 -17.54
C GLY C 138 -5.44 -20.03 -16.37
N GLY C 139 -5.54 -19.50 -15.16
CA GLY C 139 -5.24 -20.24 -13.94
C GLY C 139 -3.79 -20.21 -13.50
N LEU C 140 -3.04 -19.18 -13.94
CA LEU C 140 -1.62 -19.08 -13.59
C LEU C 140 -1.44 -18.42 -12.21
N HIS C 141 -1.85 -19.17 -11.20
CA HIS C 141 -1.96 -18.74 -9.82
C HIS C 141 -0.69 -18.34 -9.06
N HIS C 142 0.54 -18.59 -9.56
CA HIS C 142 1.74 -18.21 -8.76
C HIS C 142 2.26 -16.79 -9.01
N ALA C 143 1.90 -16.16 -10.12
CA ALA C 143 2.43 -14.82 -10.43
C ALA C 143 2.18 -13.81 -9.31
N LYS C 144 3.23 -13.07 -8.93
CA LYS C 144 3.17 -12.07 -7.86
C LYS C 144 3.15 -10.65 -8.43
N LYS C 145 2.90 -9.63 -7.58
CA LYS C 145 2.83 -8.24 -8.04
C LYS C 145 4.02 -7.81 -8.90
N SER C 146 5.22 -8.17 -8.45
CA SER C 146 6.42 -7.79 -9.16
C SER C 146 7.38 -8.96 -9.24
N GLU C 147 6.85 -10.17 -9.54
CA GLU C 147 7.71 -11.34 -9.64
C GLU C 147 7.03 -12.45 -10.40
N ALA C 148 7.76 -13.08 -11.31
CA ALA C 148 7.28 -14.26 -12.02
C ALA C 148 7.54 -15.42 -11.04
N SER C 149 6.75 -16.50 -11.13
CA SER C 149 6.94 -17.63 -10.25
C SER C 149 6.25 -18.85 -10.80
N GLY C 150 6.87 -20.01 -10.65
CA GLY C 150 6.29 -21.29 -11.04
C GLY C 150 5.55 -21.34 -12.37
N PHE C 151 6.26 -20.92 -13.45
CA PHE C 151 5.77 -20.90 -14.83
C PHE C 151 4.74 -19.83 -15.13
N CYS C 152 4.40 -18.99 -14.13
CA CYS C 152 3.38 -17.95 -14.24
C CYS C 152 4.06 -16.57 -14.26
N TYR C 153 3.59 -15.68 -15.15
CA TYR C 153 4.19 -14.35 -15.23
C TYR C 153 3.17 -13.29 -14.86
N VAL C 154 1.93 -13.42 -15.35
CA VAL C 154 0.86 -12.47 -15.06
C VAL C 154 -0.28 -13.23 -14.38
N ASN C 155 -0.75 -12.71 -13.24
CA ASN C 155 -1.81 -13.38 -12.50
C ASN C 155 -3.17 -13.09 -13.06
N ASP C 156 -3.58 -13.87 -14.05
CA ASP C 156 -4.88 -13.68 -14.69
C ASP C 156 -6.03 -13.87 -13.68
N ILE C 157 -5.84 -14.75 -12.68
CA ILE C 157 -6.88 -15.01 -11.68
C ILE C 157 -7.15 -13.76 -10.83
N VAL C 158 -6.11 -13.11 -10.32
CA VAL C 158 -6.25 -11.90 -9.52
C VAL C 158 -6.93 -10.81 -10.35
N LEU C 159 -6.49 -10.63 -11.61
CA LEU C 159 -7.11 -9.63 -12.48
C LEU C 159 -8.59 -9.94 -12.75
N ALA C 160 -8.95 -11.22 -12.93
CA ALA C 160 -10.34 -11.60 -13.16
C ALA C 160 -11.16 -11.37 -11.89
N ILE C 161 -10.57 -11.65 -10.70
CA ILE C 161 -11.29 -11.46 -9.44
C ILE C 161 -11.50 -9.97 -9.17
N LEU C 162 -10.50 -9.11 -9.46
CA LEU C 162 -10.68 -7.66 -9.29
C LEU C 162 -11.84 -7.18 -10.16
N GLU C 163 -11.95 -7.73 -11.39
CA GLU C 163 -13.06 -7.41 -12.27
C GLU C 163 -14.41 -7.90 -11.67
N LEU C 164 -14.46 -9.14 -11.15
CA LEU C 164 -15.68 -9.67 -10.52
C LEU C 164 -16.14 -8.84 -9.31
N LEU C 165 -15.17 -8.30 -8.56
CA LEU C 165 -15.40 -7.49 -7.37
C LEU C 165 -16.14 -6.18 -7.63
N LYS C 166 -16.23 -5.74 -8.89
CA LYS C 166 -16.97 -4.52 -9.22
C LYS C 166 -18.49 -4.77 -9.07
N TYR C 167 -18.97 -6.01 -9.31
CA TYR C 167 -20.38 -6.39 -9.27
C TYR C 167 -20.73 -7.40 -8.17
N HIS C 168 -19.74 -7.99 -7.51
CA HIS C 168 -19.98 -8.98 -6.47
C HIS C 168 -19.31 -8.60 -5.17
N GLN C 169 -20.07 -8.55 -4.08
CA GLN C 169 -19.55 -8.21 -2.75
C GLN C 169 -18.56 -9.26 -2.23
N ARG C 170 -18.89 -10.53 -2.45
CA ARG C 170 -18.04 -11.63 -2.00
C ARG C 170 -17.77 -12.58 -3.15
N VAL C 171 -16.49 -12.95 -3.33
CA VAL C 171 -16.08 -13.89 -4.38
C VAL C 171 -15.33 -15.06 -3.73
N LEU C 172 -15.66 -16.30 -4.15
CA LEU C 172 -15.01 -17.49 -3.62
C LEU C 172 -14.05 -18.03 -4.67
N TYR C 173 -12.80 -18.26 -4.29
CA TYR C 173 -11.80 -18.80 -5.20
C TYR C 173 -11.48 -20.20 -4.66
N ILE C 174 -11.64 -21.23 -5.50
CA ILE C 174 -11.31 -22.61 -5.12
C ILE C 174 -10.19 -23.09 -6.06
N ASP C 175 -9.17 -23.72 -5.51
CA ASP C 175 -8.00 -24.14 -6.30
C ASP C 175 -7.71 -25.63 -6.06
N ILE C 176 -7.91 -26.48 -7.10
CA ILE C 176 -7.65 -27.91 -7.02
C ILE C 176 -6.39 -28.35 -7.75
N ASP C 177 -5.50 -27.38 -8.09
CA ASP C 177 -4.19 -27.68 -8.66
C ASP C 177 -3.40 -28.37 -7.53
N ILE C 178 -2.42 -29.24 -7.86
CA ILE C 178 -1.63 -29.90 -6.81
C ILE C 178 -0.73 -28.89 -6.04
N HIS C 179 -0.42 -27.73 -6.65
CA HIS C 179 0.42 -26.73 -6.00
C HIS C 179 -0.43 -25.67 -5.30
N HIS C 180 0.05 -25.13 -4.16
CA HIS C 180 -0.68 -24.09 -3.41
C HIS C 180 -0.88 -22.85 -4.29
N GLY C 181 -2.09 -22.26 -4.27
CA GLY C 181 -2.37 -21.04 -5.04
C GLY C 181 -1.86 -19.83 -4.28
N ASP C 182 -0.53 -19.74 -4.10
CA ASP C 182 0.07 -18.68 -3.31
C ASP C 182 -0.12 -17.24 -3.84
N GLY C 183 -0.03 -17.04 -5.15
CA GLY C 183 -0.15 -15.69 -5.70
C GLY C 183 -1.54 -15.13 -5.47
N VAL C 184 -2.57 -15.98 -5.62
CA VAL C 184 -3.95 -15.54 -5.42
C VAL C 184 -4.22 -15.34 -3.93
N GLU C 185 -3.75 -16.26 -3.09
CA GLU C 185 -3.92 -16.14 -1.64
C GLU C 185 -3.29 -14.85 -1.12
N GLU C 186 -2.06 -14.56 -1.55
CA GLU C 186 -1.35 -13.36 -1.12
C GLU C 186 -2.06 -12.08 -1.55
N ALA C 187 -2.58 -12.05 -2.79
CA ALA C 187 -3.28 -10.86 -3.30
C ALA C 187 -4.47 -10.46 -2.42
N PHE C 188 -5.20 -11.47 -1.92
CA PHE C 188 -6.40 -11.19 -1.12
C PHE C 188 -6.26 -11.56 0.36
N TYR C 189 -5.02 -11.77 0.84
CA TYR C 189 -4.76 -12.21 2.21
C TYR C 189 -5.39 -11.35 3.30
N THR C 190 -5.49 -10.04 3.07
CA THR C 190 -6.04 -9.15 4.10
C THR C 190 -7.43 -8.64 3.80
N THR C 191 -8.17 -9.29 2.90
CA THR C 191 -9.54 -8.87 2.64
C THR C 191 -10.55 -9.98 2.91
N ASP C 192 -11.75 -9.58 3.32
CA ASP C 192 -12.83 -10.54 3.52
C ASP C 192 -13.74 -10.59 2.27
N ARG C 193 -13.47 -9.75 1.24
CA ARG C 193 -14.27 -9.76 0.02
C ARG C 193 -13.92 -10.91 -0.92
N VAL C 194 -12.83 -11.65 -0.64
CA VAL C 194 -12.45 -12.82 -1.40
C VAL C 194 -12.05 -13.91 -0.41
N MET C 195 -12.63 -15.11 -0.54
CA MET C 195 -12.23 -16.24 0.29
C MET C 195 -11.41 -17.15 -0.63
N THR C 196 -10.20 -17.53 -0.24
CA THR C 196 -9.38 -18.40 -1.08
C THR C 196 -9.32 -19.77 -0.42
N VAL C 197 -9.57 -20.81 -1.18
CA VAL C 197 -9.56 -22.18 -0.65
C VAL C 197 -8.65 -23.03 -1.54
N SER C 198 -7.58 -23.55 -0.97
CA SER C 198 -6.63 -24.35 -1.73
C SER C 198 -6.45 -25.75 -1.16
N PHE C 199 -6.51 -26.77 -2.01
CA PHE C 199 -6.28 -28.18 -1.65
C PHE C 199 -4.99 -28.49 -2.38
N HIS C 200 -3.92 -28.82 -1.66
CA HIS C 200 -2.62 -29.02 -2.33
C HIS C 200 -1.64 -29.90 -1.60
N LYS C 201 -0.64 -30.41 -2.33
CA LYS C 201 0.42 -31.20 -1.70
C LYS C 201 1.27 -30.20 -0.89
N TYR C 202 1.55 -30.55 0.38
CA TYR C 202 2.34 -29.69 1.28
C TYR C 202 3.45 -30.53 1.93
N GLY C 203 4.66 -29.99 1.96
CA GLY C 203 5.81 -30.66 2.55
C GLY C 203 6.81 -31.05 1.48
N GLU C 204 8.02 -30.43 1.47
CA GLU C 204 9.08 -30.68 0.47
C GLU C 204 8.52 -30.55 -0.94
N TYR C 205 7.76 -29.46 -1.17
CA TYR C 205 7.12 -29.27 -2.46
C TYR C 205 6.86 -27.79 -2.70
N PHE C 206 7.08 -27.34 -3.93
CA PHE C 206 6.86 -25.96 -4.36
C PHE C 206 5.39 -25.58 -4.15
N PRO C 207 5.09 -24.32 -3.75
CA PRO C 207 6.02 -23.23 -3.41
C PRO C 207 6.46 -23.18 -1.94
N GLY C 208 6.09 -24.18 -1.14
CA GLY C 208 6.48 -24.21 0.27
C GLY C 208 5.50 -23.52 1.21
N THR C 209 4.43 -22.96 0.67
CA THR C 209 3.41 -22.24 1.45
C THR C 209 2.07 -23.03 1.50
N GLY C 210 1.06 -22.47 2.15
CA GLY C 210 -0.24 -23.11 2.24
C GLY C 210 -0.33 -24.03 3.44
N ASP C 211 0.34 -23.65 4.54
CA ASP C 211 0.30 -24.41 5.79
C ASP C 211 -1.12 -24.32 6.37
N LEU C 212 -1.48 -25.31 7.18
CA LEU C 212 -2.78 -25.34 7.86
C LEU C 212 -3.03 -24.03 8.66
N ARG C 213 -1.98 -23.45 9.25
CA ARG C 213 -2.03 -22.22 10.08
C ARG C 213 -2.21 -20.91 9.30
N ASP C 214 -2.04 -20.96 7.97
CA ASP C 214 -2.18 -19.77 7.14
C ASP C 214 -3.65 -19.52 6.87
N ILE C 215 -4.29 -18.69 7.70
CA ILE C 215 -5.73 -18.41 7.60
C ILE C 215 -6.09 -16.96 7.25
N GLY C 216 -5.09 -16.14 6.93
CA GLY C 216 -5.37 -14.74 6.58
C GLY C 216 -4.96 -13.79 7.68
N ALA C 217 -5.02 -12.48 7.42
CA ALA C 217 -4.65 -11.46 8.41
C ALA C 217 -5.56 -10.21 8.27
N GLY C 218 -5.63 -9.39 9.33
CA GLY C 218 -6.49 -8.21 9.37
C GLY C 218 -7.93 -8.62 9.15
N LYS C 219 -8.67 -7.88 8.31
CA LYS C 219 -10.06 -8.24 8.00
C LYS C 219 -10.17 -9.60 7.27
N GLY C 220 -9.08 -10.07 6.68
CA GLY C 220 -9.06 -11.34 5.97
C GLY C 220 -8.80 -12.54 6.88
N LYS C 221 -8.70 -12.33 8.21
CA LYS C 221 -8.48 -13.44 9.14
C LYS C 221 -9.68 -14.40 9.06
N TYR C 222 -9.40 -15.69 8.81
CA TYR C 222 -10.33 -16.80 8.59
C TYR C 222 -10.85 -16.85 7.14
N TYR C 223 -10.41 -15.93 6.24
CA TYR C 223 -10.86 -15.93 4.85
C TYR C 223 -9.86 -16.56 3.88
N ALA C 224 -8.85 -17.26 4.39
CA ALA C 224 -7.89 -18.01 3.57
C ALA C 224 -7.96 -19.42 4.20
N VAL C 225 -8.20 -20.43 3.37
CA VAL C 225 -8.35 -21.81 3.82
C VAL C 225 -7.34 -22.70 3.09
N ASN C 226 -6.58 -23.51 3.84
CA ASN C 226 -5.58 -24.38 3.23
C ASN C 226 -5.76 -25.80 3.74
N PHE C 227 -5.79 -26.75 2.82
CA PHE C 227 -5.92 -28.16 3.17
C PHE C 227 -4.64 -28.80 2.68
N PRO C 228 -3.62 -28.88 3.53
CA PRO C 228 -2.35 -29.49 3.10
C PRO C 228 -2.50 -31.02 3.04
N MET C 229 -2.02 -31.62 1.95
CA MET C 229 -2.13 -33.07 1.71
C MET C 229 -0.79 -33.70 1.44
N ARG C 230 -0.72 -35.04 1.59
CA ARG C 230 0.47 -35.81 1.33
C ARG C 230 0.29 -36.59 0.00
N ASP C 231 1.33 -37.29 -0.47
CA ASP C 231 1.27 -38.07 -1.72
C ASP C 231 0.14 -39.10 -1.78
N GLY C 232 -0.26 -39.44 -2.99
CA GLY C 232 -1.21 -40.51 -3.26
C GLY C 232 -2.67 -40.37 -2.91
N ILE C 233 -3.18 -39.13 -2.65
CA ILE C 233 -4.61 -38.97 -2.36
C ILE C 233 -5.45 -39.50 -3.52
N ASP C 234 -6.51 -40.25 -3.23
CA ASP C 234 -7.34 -40.87 -4.25
C ASP C 234 -8.71 -40.23 -4.37
N ASP C 235 -9.52 -40.64 -5.38
CA ASP C 235 -10.87 -40.11 -5.60
C ASP C 235 -11.75 -40.14 -4.35
N GLU C 236 -11.75 -41.30 -3.67
CA GLU C 236 -12.57 -41.44 -2.46
C GLU C 236 -12.16 -40.49 -1.35
N SER C 237 -10.87 -40.44 -0.98
CA SER C 237 -10.42 -39.56 0.10
C SER C 237 -10.58 -38.07 -0.22
N TYR C 238 -10.29 -37.68 -1.47
CA TYR C 238 -10.39 -36.28 -1.90
C TYR C 238 -11.85 -35.83 -1.93
N GLY C 239 -12.72 -36.66 -2.50
CA GLY C 239 -14.15 -36.38 -2.58
C GLY C 239 -14.80 -36.23 -1.22
N GLN C 240 -14.32 -37.00 -0.23
CA GLN C 240 -14.84 -36.97 1.14
C GLN C 240 -14.45 -35.72 1.93
N ILE C 241 -13.45 -34.96 1.45
CA ILE C 241 -13.09 -33.72 2.14
C ILE C 241 -13.54 -32.52 1.32
N PHE C 242 -13.53 -32.62 -0.03
CA PHE C 242 -13.91 -31.51 -0.88
C PHE C 242 -15.38 -31.09 -0.67
N LYS C 243 -16.34 -32.03 -0.83
CA LYS C 243 -17.75 -31.70 -0.65
C LYS C 243 -18.05 -31.11 0.75
N PRO C 244 -17.71 -31.75 1.89
CA PRO C 244 -18.01 -31.15 3.21
C PRO C 244 -17.40 -29.76 3.42
N ILE C 245 -16.11 -29.57 3.03
CA ILE C 245 -15.42 -28.28 3.19
C ILE C 245 -16.10 -27.20 2.34
N ILE C 246 -16.30 -27.47 1.03
CA ILE C 246 -16.94 -26.47 0.14
C ILE C 246 -18.39 -26.18 0.56
N SER C 247 -19.15 -27.20 1.03
CA SER C 247 -20.52 -26.94 1.48
C SER C 247 -20.52 -26.02 2.72
N LYS C 248 -19.59 -26.24 3.65
CA LYS C 248 -19.50 -25.39 4.85
C LYS C 248 -19.05 -23.98 4.46
N VAL C 249 -18.13 -23.87 3.49
CA VAL C 249 -17.67 -22.56 3.01
C VAL C 249 -18.87 -21.81 2.37
N MET C 250 -19.65 -22.49 1.51
CA MET C 250 -20.81 -21.88 0.85
C MET C 250 -21.83 -21.37 1.87
N GLU C 251 -22.10 -22.20 2.89
CA GLU C 251 -23.02 -21.89 3.96
C GLU C 251 -22.59 -20.64 4.76
N MET C 252 -21.36 -20.63 5.29
CA MET C 252 -20.82 -19.55 6.10
C MET C 252 -20.47 -18.27 5.32
N TYR C 253 -19.87 -18.42 4.14
CA TYR C 253 -19.41 -17.26 3.37
C TYR C 253 -20.48 -16.68 2.43
N GLN C 254 -21.37 -17.52 1.88
CA GLN C 254 -22.41 -17.07 0.96
C GLN C 254 -21.89 -16.18 -0.18
N PRO C 255 -20.96 -16.68 -1.01
CA PRO C 255 -20.43 -15.84 -2.08
C PRO C 255 -21.45 -15.64 -3.21
N SER C 256 -21.26 -14.59 -4.02
CA SER C 256 -22.15 -14.36 -5.16
C SER C 256 -21.50 -14.71 -6.50
N ALA C 257 -20.23 -15.11 -6.51
CA ALA C 257 -19.50 -15.53 -7.70
C ALA C 257 -18.38 -16.48 -7.28
N VAL C 258 -18.05 -17.44 -8.14
CA VAL C 258 -17.01 -18.42 -7.83
C VAL C 258 -16.02 -18.51 -8.96
N VAL C 259 -14.73 -18.66 -8.61
CA VAL C 259 -13.67 -18.84 -9.60
C VAL C 259 -13.03 -20.17 -9.22
N LEU C 260 -13.03 -21.13 -10.14
CA LEU C 260 -12.45 -22.44 -9.89
C LEU C 260 -11.24 -22.68 -10.79
N GLN C 261 -10.06 -22.83 -10.17
CA GLN C 261 -8.81 -23.11 -10.90
C GLN C 261 -8.76 -24.64 -10.94
N CYS C 262 -8.82 -25.22 -12.16
CA CYS C 262 -8.89 -26.65 -12.40
C CYS C 262 -7.58 -27.32 -12.78
N GLY C 263 -6.48 -26.95 -12.11
CA GLY C 263 -5.15 -27.52 -12.38
C GLY C 263 -5.17 -29.03 -12.46
N ALA C 264 -4.83 -29.58 -13.64
CA ALA C 264 -4.88 -31.01 -13.90
C ALA C 264 -3.66 -31.80 -13.43
N ASP C 265 -2.72 -31.15 -12.72
CA ASP C 265 -1.55 -31.84 -12.19
C ASP C 265 -1.84 -32.63 -10.90
N SER C 266 -3.09 -32.59 -10.42
CA SER C 266 -3.51 -33.38 -9.27
C SER C 266 -4.00 -34.79 -9.78
N LEU C 267 -3.90 -35.08 -11.11
CA LEU C 267 -4.32 -36.36 -11.67
C LEU C 267 -3.20 -37.39 -11.52
N SER C 268 -3.58 -38.67 -11.47
CA SER C 268 -2.63 -39.78 -11.42
C SER C 268 -1.82 -39.76 -12.74
N GLY C 269 -0.53 -40.05 -12.67
CA GLY C 269 0.33 -40.09 -13.83
C GLY C 269 0.92 -38.75 -14.27
N ASP C 270 0.71 -37.68 -13.48
CA ASP C 270 1.24 -36.36 -13.84
C ASP C 270 2.75 -36.33 -13.71
N ARG C 271 3.43 -35.70 -14.67
CA ARG C 271 4.89 -35.61 -14.67
C ARG C 271 5.47 -34.92 -13.44
N LEU C 272 4.78 -33.91 -12.88
CA LEU C 272 5.28 -33.20 -11.71
C LEU C 272 4.51 -33.52 -10.42
N GLY C 273 3.27 -33.95 -10.55
CA GLY C 273 2.41 -34.26 -9.41
C GLY C 273 2.49 -35.68 -8.90
N CYS C 274 2.14 -35.86 -7.62
CA CYS C 274 2.15 -37.16 -6.95
C CYS C 274 0.80 -37.50 -6.30
N PHE C 275 -0.30 -37.04 -6.89
CA PHE C 275 -1.65 -37.36 -6.42
C PHE C 275 -2.18 -38.53 -7.30
N ASN C 276 -3.27 -39.19 -6.86
CA ASN C 276 -3.80 -40.33 -7.60
C ASN C 276 -5.25 -40.18 -8.04
N LEU C 277 -5.68 -38.96 -8.42
CA LEU C 277 -7.05 -38.74 -8.86
C LEU C 277 -7.27 -39.18 -10.28
N THR C 278 -8.51 -39.56 -10.63
CA THR C 278 -8.85 -39.89 -12.01
C THR C 278 -9.58 -38.64 -12.59
N VAL C 279 -9.88 -38.60 -13.90
CA VAL C 279 -10.59 -37.47 -14.50
C VAL C 279 -11.98 -37.31 -13.81
N LYS C 280 -12.64 -38.44 -13.48
CA LYS C 280 -13.91 -38.40 -12.77
C LYS C 280 -13.78 -37.82 -11.35
N GLY C 281 -12.73 -38.20 -10.64
CA GLY C 281 -12.50 -37.69 -9.29
C GLY C 281 -12.21 -36.19 -9.29
N HIS C 282 -11.45 -35.75 -10.31
CA HIS C 282 -11.10 -34.34 -10.50
C HIS C 282 -12.38 -33.57 -10.89
N ALA C 283 -13.15 -34.07 -11.89
CA ALA C 283 -14.39 -33.43 -12.36
C ALA C 283 -15.50 -33.40 -11.33
N LYS C 284 -15.44 -34.29 -10.31
CA LYS C 284 -16.44 -34.27 -9.23
C LYS C 284 -16.43 -32.89 -8.53
N CYS C 285 -15.25 -32.25 -8.44
CA CYS C 285 -15.09 -30.93 -7.87
C CYS C 285 -15.93 -29.89 -8.65
N VAL C 286 -15.92 -29.98 -10.00
CA VAL C 286 -16.71 -29.08 -10.85
C VAL C 286 -18.21 -29.33 -10.59
N GLU C 287 -18.62 -30.60 -10.51
CA GLU C 287 -20.01 -30.98 -10.27
C GLU C 287 -20.51 -30.43 -8.94
N VAL C 288 -19.73 -30.58 -7.87
CA VAL C 288 -20.10 -30.08 -6.55
C VAL C 288 -20.29 -28.57 -6.58
N VAL C 289 -19.33 -27.84 -7.18
CA VAL C 289 -19.43 -26.39 -7.28
C VAL C 289 -20.68 -25.96 -8.07
N LYS C 290 -21.01 -26.68 -9.14
CA LYS C 290 -22.19 -26.36 -9.95
C LYS C 290 -23.53 -26.42 -9.17
N THR C 291 -23.66 -27.35 -8.21
CA THR C 291 -24.87 -27.51 -7.39
C THR C 291 -25.27 -26.26 -6.62
N PHE C 292 -24.37 -25.29 -6.47
CA PHE C 292 -24.69 -24.06 -5.73
C PHE C 292 -25.33 -22.97 -6.61
N ASN C 293 -25.41 -23.20 -7.94
CA ASN C 293 -26.02 -22.30 -8.92
C ASN C 293 -25.52 -20.86 -8.85
N LEU C 294 -24.20 -20.68 -8.76
CA LEU C 294 -23.61 -19.34 -8.72
C LEU C 294 -22.85 -19.05 -10.00
N PRO C 295 -22.71 -17.77 -10.43
CA PRO C 295 -21.88 -17.47 -11.62
C PRO C 295 -20.48 -18.07 -11.40
N LEU C 296 -19.99 -18.82 -12.39
CA LEU C 296 -18.73 -19.53 -12.25
C LEU C 296 -17.74 -19.31 -13.39
N LEU C 297 -16.49 -19.00 -13.03
CA LEU C 297 -15.41 -18.82 -13.98
C LEU C 297 -14.50 -20.03 -13.76
N MET C 298 -14.39 -20.91 -14.77
CA MET C 298 -13.56 -22.09 -14.68
C MET C 298 -12.29 -21.81 -15.43
N LEU C 299 -11.15 -22.00 -14.78
CA LEU C 299 -9.83 -21.72 -15.37
C LEU C 299 -8.93 -22.95 -15.39
N GLY C 300 -7.89 -22.91 -16.21
CA GLY C 300 -6.92 -23.99 -16.29
C GLY C 300 -5.90 -23.89 -15.18
N GLY C 301 -4.66 -24.25 -15.46
CA GLY C 301 -3.60 -24.20 -14.48
C GLY C 301 -2.54 -25.21 -14.84
N GLY C 302 -2.05 -25.93 -13.84
CA GLY C 302 -1.04 -26.97 -14.07
C GLY C 302 -1.57 -28.17 -14.83
N GLY C 303 -0.71 -29.14 -15.09
CA GLY C 303 -1.07 -30.34 -15.85
C GLY C 303 0.07 -30.57 -16.81
N TYR C 304 0.88 -31.61 -16.54
CA TYR C 304 2.11 -31.84 -17.29
C TYR C 304 2.19 -33.17 -18.06
N THR C 305 1.14 -33.99 -18.03
CA THR C 305 1.07 -35.21 -18.87
C THR C 305 -0.07 -34.76 -19.77
N ILE C 306 0.31 -34.05 -20.85
CA ILE C 306 -0.63 -33.35 -21.71
C ILE C 306 -1.79 -34.19 -22.29
N ARG C 307 -1.62 -35.50 -22.55
CA ARG C 307 -2.77 -36.29 -23.04
C ARG C 307 -3.85 -36.38 -21.95
N ASN C 308 -3.45 -36.44 -20.66
CA ASN C 308 -4.39 -36.50 -19.55
C ASN C 308 -5.03 -35.14 -19.25
N VAL C 309 -4.31 -34.06 -19.55
CA VAL C 309 -4.84 -32.70 -19.39
C VAL C 309 -5.97 -32.50 -20.39
N ALA C 310 -5.75 -32.92 -21.64
CA ALA C 310 -6.79 -32.82 -22.68
C ALA C 310 -8.03 -33.61 -22.29
N ARG C 311 -7.86 -34.82 -21.75
CA ARG C 311 -9.01 -35.63 -21.32
C ARG C 311 -9.74 -34.93 -20.15
N CYS C 312 -8.98 -34.47 -19.16
CA CYS C 312 -9.54 -33.80 -17.98
C CYS C 312 -10.37 -32.56 -18.31
N TRP C 313 -9.79 -31.62 -19.05
CA TRP C 313 -10.50 -30.38 -19.34
C TRP C 313 -11.63 -30.59 -20.35
N THR C 314 -11.54 -31.60 -21.24
CA THR C 314 -12.64 -31.89 -22.16
C THR C 314 -13.82 -32.41 -21.33
N TYR C 315 -13.55 -33.32 -20.39
CA TYR C 315 -14.61 -33.88 -19.53
C TYR C 315 -15.23 -32.80 -18.63
N GLU C 316 -14.40 -31.86 -18.13
CA GLU C 316 -14.91 -30.79 -17.28
C GLU C 316 -15.71 -29.74 -18.10
N THR C 317 -15.42 -29.61 -19.40
CA THR C 317 -16.20 -28.72 -20.27
C THR C 317 -17.59 -29.39 -20.46
N ALA C 318 -17.62 -30.73 -20.64
CA ALA C 318 -18.86 -31.51 -20.79
C ALA C 318 -19.67 -31.40 -19.51
N VAL C 319 -19.00 -31.43 -18.32
CA VAL C 319 -19.69 -31.29 -17.03
C VAL C 319 -20.35 -29.89 -16.97
N ALA C 320 -19.62 -28.83 -17.39
CA ALA C 320 -20.19 -27.48 -17.39
C ALA C 320 -21.44 -27.39 -18.29
N LEU C 321 -21.40 -28.07 -19.45
CA LEU C 321 -22.53 -28.11 -20.38
C LEU C 321 -23.62 -29.15 -19.97
N ASP C 322 -23.36 -29.97 -18.93
CA ASP C 322 -24.27 -31.03 -18.48
C ASP C 322 -24.60 -31.97 -19.66
N CYS C 323 -23.58 -32.28 -20.46
CA CYS C 323 -23.74 -33.16 -21.61
CA CYS C 323 -23.73 -33.15 -21.62
C CYS C 323 -22.92 -34.42 -21.42
N GLU C 324 -23.57 -35.58 -21.38
CA GLU C 324 -22.85 -36.85 -21.20
C GLU C 324 -22.06 -37.12 -22.47
N ILE C 325 -20.79 -37.53 -22.35
CA ILE C 325 -19.97 -37.84 -23.51
C ILE C 325 -19.45 -39.27 -23.39
N PRO C 326 -19.40 -40.02 -24.51
CA PRO C 326 -18.94 -41.41 -24.43
C PRO C 326 -17.47 -41.57 -24.10
N ASN C 327 -17.11 -42.68 -23.45
CA ASN C 327 -15.74 -43.00 -23.08
C ASN C 327 -14.85 -43.21 -24.32
N GLU C 328 -15.44 -43.56 -25.47
CA GLU C 328 -14.69 -43.80 -26.69
C GLU C 328 -14.36 -42.45 -27.28
N LEU C 329 -13.07 -42.11 -27.36
CA LEU C 329 -12.66 -40.82 -27.89
C LEU C 329 -13.02 -40.73 -29.35
N PRO C 330 -13.59 -39.61 -29.79
CA PRO C 330 -13.88 -39.46 -31.22
C PRO C 330 -12.56 -39.25 -31.98
N TYR C 331 -12.64 -39.34 -33.32
CA TYR C 331 -11.46 -39.11 -34.14
C TYR C 331 -11.04 -37.64 -33.99
N ASN C 332 -9.74 -37.37 -33.91
CA ASN C 332 -9.25 -36.01 -33.75
C ASN C 332 -7.81 -35.87 -34.28
N ASP C 333 -7.33 -34.62 -34.43
CA ASP C 333 -5.99 -34.29 -34.93
C ASP C 333 -4.85 -34.90 -34.13
N TYR C 334 -5.10 -35.32 -32.88
CA TYR C 334 -4.05 -35.91 -32.04
C TYR C 334 -4.44 -37.30 -31.57
N PHE C 335 -5.29 -38.01 -32.35
CA PHE C 335 -5.81 -39.33 -32.02
C PHE C 335 -4.75 -40.31 -31.54
N GLU C 336 -3.64 -40.40 -32.28
CA GLU C 336 -2.51 -41.28 -32.00
C GLU C 336 -1.93 -41.11 -30.60
N TYR C 337 -1.99 -39.89 -30.03
CA TYR C 337 -1.47 -39.57 -28.69
C TYR C 337 -2.23 -40.31 -27.56
N PHE C 338 -3.48 -40.69 -27.80
CA PHE C 338 -4.30 -41.35 -26.79
C PHE C 338 -4.29 -42.88 -26.82
N GLY C 339 -3.39 -43.47 -27.61
CA GLY C 339 -3.29 -44.91 -27.74
C GLY C 339 -2.66 -45.61 -26.55
N PRO C 340 -2.73 -46.96 -26.48
CA PRO C 340 -3.33 -47.89 -27.45
C PRO C 340 -4.82 -48.15 -27.26
N ASP C 341 -5.44 -47.66 -26.17
CA ASP C 341 -6.87 -47.90 -25.92
C ASP C 341 -7.82 -46.80 -26.42
N PHE C 342 -7.32 -45.56 -26.58
CA PHE C 342 -8.09 -44.44 -27.09
C PHE C 342 -9.37 -44.13 -26.28
N LYS C 343 -9.27 -44.12 -24.94
CA LYS C 343 -10.41 -43.83 -24.08
C LYS C 343 -10.28 -42.49 -23.35
N LEU C 344 -11.41 -41.93 -22.89
CA LEU C 344 -11.44 -40.64 -22.21
C LEU C 344 -11.03 -40.76 -20.75
N HIS C 345 -11.52 -41.80 -20.08
CA HIS C 345 -11.24 -41.97 -18.67
C HIS C 345 -9.98 -42.80 -18.42
N ILE C 346 -9.22 -42.40 -17.41
CA ILE C 346 -7.98 -43.06 -17.03
C ILE C 346 -8.15 -43.89 -15.77
N SER C 347 -7.25 -44.84 -15.58
CA SER C 347 -7.25 -45.68 -14.40
C SER C 347 -6.25 -45.11 -13.39
N PRO C 348 -6.56 -45.12 -12.09
CA PRO C 348 -5.57 -44.65 -11.12
C PRO C 348 -4.42 -45.66 -11.02
N SER C 349 -3.29 -45.22 -10.48
CA SER C 349 -2.14 -46.10 -10.29
C SER C 349 -2.29 -46.88 -8.96
N ASN C 350 -1.30 -47.73 -8.64
CA ASN C 350 -1.32 -48.49 -7.39
C ASN C 350 -0.50 -47.79 -6.28
N MET C 351 -0.12 -46.50 -6.47
CA MET C 351 0.64 -45.77 -5.46
C MET C 351 -0.08 -45.71 -4.12
N THR C 352 0.70 -45.72 -3.06
CA THR C 352 0.19 -45.70 -1.70
C THR C 352 -0.36 -44.32 -1.33
N ASN C 353 -1.55 -44.28 -0.72
CA ASN C 353 -2.15 -43.03 -0.27
C ASN C 353 -1.52 -42.74 1.10
N GLN C 354 -0.68 -41.71 1.20
CA GLN C 354 -0.01 -41.35 2.45
C GLN C 354 -0.87 -40.52 3.41
N ASN C 355 -2.09 -40.16 3.01
CA ASN C 355 -3.01 -39.41 3.84
C ASN C 355 -3.82 -40.41 4.65
N THR C 356 -3.46 -40.62 5.91
CA THR C 356 -4.20 -41.57 6.75
C THR C 356 -5.58 -40.99 7.08
N PRO C 357 -6.58 -41.84 7.37
CA PRO C 357 -7.89 -41.31 7.79
C PRO C 357 -7.77 -40.39 9.02
N GLU C 358 -6.85 -40.71 9.96
CA GLU C 358 -6.66 -39.87 11.15
C GLU C 358 -6.19 -38.45 10.75
N TYR C 359 -5.25 -38.38 9.80
CA TYR C 359 -4.69 -37.12 9.34
C TYR C 359 -5.77 -36.28 8.67
N MET C 360 -6.50 -36.87 7.72
CA MET C 360 -7.57 -36.18 6.99
C MET C 360 -8.64 -35.64 7.95
N GLU C 361 -9.01 -36.45 8.94
CA GLU C 361 -10.01 -36.02 9.93
C GLU C 361 -9.51 -34.85 10.76
N LYS C 362 -8.23 -34.87 11.16
CA LYS C 362 -7.63 -33.79 11.96
C LYS C 362 -7.65 -32.45 11.18
N ILE C 363 -7.28 -32.48 9.89
CA ILE C 363 -7.28 -31.26 9.07
C ILE C 363 -8.71 -30.75 8.86
N LYS C 364 -9.63 -31.64 8.47
CA LYS C 364 -11.02 -31.27 8.24
C LYS C 364 -11.67 -30.67 9.49
N GLN C 365 -11.34 -31.21 10.68
CA GLN C 365 -11.91 -30.66 11.92
C GLN C 365 -11.39 -29.26 12.19
N ARG C 366 -10.10 -29.04 11.97
CA ARG C 366 -9.49 -27.73 12.15
C ARG C 366 -10.13 -26.71 11.18
N LEU C 367 -10.35 -27.11 9.92
CA LEU C 367 -10.96 -26.20 8.94
C LEU C 367 -12.40 -25.86 9.34
N PHE C 368 -13.14 -26.83 9.85
CA PHE C 368 -14.50 -26.60 10.30
C PHE C 368 -14.52 -25.63 11.48
N GLU C 369 -13.53 -25.74 12.40
CA GLU C 369 -13.38 -24.85 13.55
C GLU C 369 -13.08 -23.42 13.06
N ASN C 370 -12.23 -23.29 12.02
CA ASN C 370 -11.90 -21.97 11.47
C ASN C 370 -13.10 -21.37 10.76
N LEU C 371 -13.88 -22.20 10.05
CA LEU C 371 -15.07 -21.75 9.34
C LEU C 371 -16.17 -21.25 10.30
N ARG C 372 -16.20 -21.77 11.54
N ARG C 372 -16.19 -21.77 11.54
CA ARG C 372 -17.17 -21.32 12.54
CA ARG C 372 -17.16 -21.33 12.54
C ARG C 372 -16.83 -19.92 13.09
C ARG C 372 -16.83 -19.91 13.07
N MET C 373 -15.56 -19.49 12.98
CA MET C 373 -15.10 -18.17 13.42
C MET C 373 -15.52 -17.03 12.49
N LEU C 374 -16.09 -17.35 11.31
CA LEU C 374 -16.54 -16.37 10.33
C LEU C 374 -17.74 -15.61 10.89
N PRO C 375 -17.71 -14.26 10.87
CA PRO C 375 -18.85 -13.50 11.39
C PRO C 375 -20.14 -13.79 10.62
N HIS C 376 -21.07 -14.51 11.26
CA HIS C 376 -22.34 -14.89 10.66
C HIS C 376 -23.52 -14.60 11.59
#